data_6TCD
#
_entry.id   6TCD
#
_cell.length_a   100.883
_cell.length_b   146.573
_cell.length_c   53.680
_cell.angle_alpha   90.000
_cell.angle_beta   90.000
_cell.angle_gamma   90.000
#
_symmetry.space_group_name_H-M   'P 21 21 2'
#
loop_
_entity.id
_entity.type
_entity.pdbx_description
1 polymer 'Ribonuclease UK114'
2 non-polymer 'ACETATE ION'
3 non-polymer 'SULFATE ION'
4 water water
#
_entity_poly.entity_id   1
_entity_poly.type   'polypeptide(L)'
_entity_poly.pdbx_seq_one_letter_code
;GSHMAAVQKLFPYTPRAPIRQGIYSQAVVVDRTMYISGQLGLDVASGKLVEGGVQAQARQALVNMGEILKAAGCGYDNVV
KTTVLLADMNDFVNVNDVYKTFFSKNFPARAAYQVVALPRGGLVEIEAVAVLGPISES
;
_entity_poly.pdbx_strand_id   A,B,C,D,E,F
#
# COMPACT_ATOMS: atom_id res chain seq x y z
N GLN A 8 -9.94 -28.52 16.03
CA GLN A 8 -9.36 -28.33 14.70
C GLN A 8 -9.95 -27.10 14.03
N LYS A 9 -10.58 -26.24 14.82
CA LYS A 9 -11.20 -25.02 14.32
C LYS A 9 -10.83 -23.85 15.24
N LEU A 10 -10.25 -22.80 14.64
CA LEU A 10 -9.70 -21.69 15.39
C LEU A 10 -10.31 -20.38 14.91
N PHE A 11 -10.33 -19.41 15.82
CA PHE A 11 -10.92 -18.09 15.55
C PHE A 11 -9.90 -17.03 15.90
N PRO A 12 -8.88 -16.85 15.05
CA PRO A 12 -7.85 -15.85 15.32
C PRO A 12 -8.46 -14.46 15.36
N TYR A 13 -8.05 -13.68 16.37
CA TYR A 13 -8.54 -12.33 16.55
C TYR A 13 -7.36 -11.39 16.77
N THR A 14 -7.40 -10.23 16.13
CA THR A 14 -6.45 -9.17 16.42
C THR A 14 -7.19 -7.87 16.69
N PRO A 15 -6.88 -7.17 17.78
CA PRO A 15 -7.47 -5.83 17.98
C PRO A 15 -6.99 -4.80 16.97
N ARG A 16 -6.04 -5.14 16.09
CA ARG A 16 -5.54 -4.21 15.09
C ARG A 16 -6.40 -4.15 13.84
N ALA A 17 -7.44 -4.96 13.75
CA ALA A 17 -8.34 -4.96 12.60
C ALA A 17 -9.78 -4.90 13.09
N PRO A 18 -10.71 -4.46 12.25
CA PRO A 18 -12.11 -4.31 12.70
C PRO A 18 -12.78 -5.66 12.88
N ILE A 19 -13.94 -5.60 13.55
CA ILE A 19 -14.82 -6.76 13.72
C ILE A 19 -16.20 -6.23 14.03
N ARG A 20 -17.21 -7.05 13.81
CA ARG A 20 -18.55 -6.81 14.33
C ARG A 20 -18.77 -7.87 15.40
N GLN A 21 -18.45 -7.51 16.64
CA GLN A 21 -18.51 -8.45 17.75
C GLN A 21 -19.91 -9.04 17.88
N GLY A 22 -19.99 -10.37 17.95
CA GLY A 22 -21.26 -11.05 18.07
C GLY A 22 -21.99 -11.28 16.76
N ILE A 23 -21.44 -10.79 15.65
CA ILE A 23 -22.01 -10.97 14.32
C ILE A 23 -21.13 -11.86 13.46
N TYR A 24 -19.84 -11.56 13.39
CA TYR A 24 -18.94 -12.43 12.64
C TYR A 24 -17.58 -12.46 13.31
N SER A 25 -16.82 -13.51 12.99
CA SER A 25 -15.42 -13.61 13.32
C SER A 25 -14.59 -12.96 12.23
N GLN A 26 -13.43 -12.38 12.62
CA GLN A 26 -12.52 -11.86 11.61
C GLN A 26 -12.13 -12.95 10.62
N ALA A 27 -11.91 -14.15 11.12
CA ALA A 27 -11.56 -15.28 10.28
C ALA A 27 -11.87 -16.56 11.03
N VAL A 28 -12.05 -17.63 10.26
CA VAL A 28 -12.22 -18.97 10.81
C VAL A 28 -11.17 -19.86 10.14
N VAL A 29 -10.33 -20.49 10.95
CA VAL A 29 -9.34 -21.45 10.45
C VAL A 29 -9.86 -22.85 10.76
N VAL A 30 -10.10 -23.63 9.71
CA VAL A 30 -10.60 -24.98 9.86
CA VAL A 30 -10.60 -24.99 9.85
C VAL A 30 -9.73 -25.90 9.01
N ASP A 31 -9.13 -26.91 9.65
CA ASP A 31 -8.15 -27.79 9.00
C ASP A 31 -7.00 -26.87 8.62
N ARG A 32 -6.70 -26.68 7.34
CA ARG A 32 -5.66 -25.74 6.95
C ARG A 32 -6.22 -24.55 6.17
N THR A 33 -7.53 -24.43 6.07
CA THR A 33 -8.14 -23.36 5.27
C THR A 33 -8.66 -22.27 6.18
N MET A 34 -8.41 -21.02 5.77
CA MET A 34 -8.74 -19.85 6.56
C MET A 34 -9.70 -18.98 5.76
N TYR A 35 -10.92 -18.81 6.26
CA TYR A 35 -11.93 -17.95 5.61
C TYR A 35 -11.88 -16.60 6.31
N ILE A 36 -11.64 -15.54 5.55
CA ILE A 36 -11.46 -14.20 6.10
C ILE A 36 -12.65 -13.34 5.72
N SER A 37 -13.21 -12.67 6.72
CA SER A 37 -14.37 -11.81 6.52
C SER A 37 -14.05 -10.67 5.56
N GLY A 38 -15.10 -10.18 4.87
CA GLY A 38 -14.97 -9.00 4.04
C GLY A 38 -14.35 -7.82 4.80
N GLN A 39 -13.24 -7.31 4.31
CA GLN A 39 -12.54 -6.21 4.98
C GLN A 39 -12.91 -4.89 4.33
N LEU A 40 -13.17 -3.89 5.18
CA LEU A 40 -13.47 -2.51 4.77
C LEU A 40 -12.27 -1.62 5.09
N GLY A 41 -12.28 -0.41 4.51
CA GLY A 41 -11.19 0.53 4.74
C GLY A 41 -11.32 1.28 6.05
N LEU A 42 -11.62 0.56 7.12
CA LEU A 42 -11.83 1.13 8.45
C LEU A 42 -10.51 1.20 9.20
N ASP A 43 -10.31 2.30 9.92
CA ASP A 43 -9.18 2.49 10.82
C ASP A 43 -9.69 2.30 12.25
N VAL A 44 -9.22 1.26 12.94
CA VAL A 44 -9.74 0.97 14.26
C VAL A 44 -9.46 2.09 15.25
N ALA A 45 -8.35 2.83 15.05
CA ALA A 45 -8.02 3.91 15.99
C ALA A 45 -9.06 5.02 15.95
N SER A 46 -9.54 5.38 14.76
CA SER A 46 -10.58 6.40 14.63
C SER A 46 -11.98 5.81 14.67
N GLY A 47 -12.11 4.50 14.46
CA GLY A 47 -13.41 3.88 14.34
C GLY A 47 -14.17 4.26 13.09
N LYS A 48 -13.48 4.83 12.10
CA LYS A 48 -14.12 5.33 10.89
C LYS A 48 -13.34 4.90 9.66
N LEU A 49 -14.00 5.01 8.51
CA LEU A 49 -13.30 4.79 7.25
C LEU A 49 -12.17 5.80 7.11
N VAL A 50 -11.06 5.37 6.53
CA VAL A 50 -9.95 6.29 6.28
C VAL A 50 -10.36 7.32 5.25
N GLU A 51 -9.77 8.51 5.34
CA GLU A 51 -10.01 9.53 4.33
C GLU A 51 -9.13 9.28 3.10
N GLY A 52 -9.50 9.90 2.00
CA GLY A 52 -8.69 9.87 0.79
C GLY A 52 -9.28 9.12 -0.39
N GLY A 53 -10.41 8.43 -0.22
CA GLY A 53 -11.07 7.81 -1.34
C GLY A 53 -10.78 6.33 -1.48
N VAL A 54 -11.05 5.83 -2.69
CA VAL A 54 -11.08 4.38 -2.90
C VAL A 54 -9.68 3.77 -2.77
N GLN A 55 -8.65 4.48 -3.22
CA GLN A 55 -7.30 3.92 -3.08
C GLN A 55 -6.92 3.79 -1.62
N ALA A 56 -7.17 4.84 -0.83
CA ALA A 56 -6.89 4.76 0.60
C ALA A 56 -7.71 3.66 1.27
N GLN A 57 -8.99 3.54 0.93
CA GLN A 57 -9.82 2.51 1.54
C GLN A 57 -9.37 1.11 1.13
N ALA A 58 -9.03 0.92 -0.15
CA ALA A 58 -8.56 -0.39 -0.57
C ALA A 58 -7.28 -0.77 0.15
N ARG A 59 -6.35 0.18 0.26
CA ARG A 59 -5.10 -0.11 0.98
C ARG A 59 -5.39 -0.45 2.44
N GLN A 60 -6.26 0.31 3.10
CA GLN A 60 -6.57 0.03 4.49
C GLN A 60 -7.24 -1.34 4.63
N ALA A 61 -8.15 -1.69 3.70
CA ALA A 61 -8.76 -3.01 3.75
C ALA A 61 -7.71 -4.11 3.68
N LEU A 62 -6.71 -3.95 2.79
CA LEU A 62 -5.67 -4.97 2.67
C LEU A 62 -4.71 -4.95 3.85
N VAL A 63 -4.45 -3.78 4.43
CA VAL A 63 -3.70 -3.73 5.70
C VAL A 63 -4.46 -4.49 6.79
N ASN A 64 -5.76 -4.22 6.92
CA ASN A 64 -6.59 -4.96 7.88
C ASN A 64 -6.51 -6.47 7.63
N MET A 65 -6.62 -6.89 6.37
CA MET A 65 -6.50 -8.31 6.06
C MET A 65 -5.15 -8.85 6.51
N GLY A 66 -4.08 -8.08 6.28
CA GLY A 66 -2.76 -8.54 6.71
C GLY A 66 -2.67 -8.75 8.21
N GLU A 67 -3.32 -7.88 9.00
CA GLU A 67 -3.28 -8.05 10.45
C GLU A 67 -4.00 -9.33 10.86
N ILE A 68 -5.11 -9.65 10.19
CA ILE A 68 -5.83 -10.89 10.47
C ILE A 68 -5.00 -12.10 10.05
N LEU A 69 -4.40 -12.05 8.86
CA LEU A 69 -3.50 -13.13 8.44
C LEU A 69 -2.42 -13.37 9.47
N LYS A 70 -1.77 -12.30 9.94
CA LYS A 70 -0.68 -12.47 10.91
C LYS A 70 -1.18 -13.09 12.20
N ALA A 71 -2.42 -12.80 12.59
CA ALA A 71 -2.98 -13.38 13.80
C ALA A 71 -3.09 -14.90 13.69
N ALA A 72 -3.19 -15.42 12.48
CA ALA A 72 -3.24 -16.86 12.23
C ALA A 72 -1.88 -17.44 11.87
N GLY A 73 -0.82 -16.66 11.98
CA GLY A 73 0.49 -17.14 11.59
C GLY A 73 0.73 -17.15 10.09
N CYS A 74 -0.04 -16.37 9.33
CA CYS A 74 0.04 -16.28 7.88
C CYS A 74 0.48 -14.88 7.43
N GLY A 75 0.70 -14.78 6.12
CA GLY A 75 0.97 -13.52 5.46
C GLY A 75 0.27 -13.49 4.12
N TYR A 76 0.57 -12.48 3.30
CA TYR A 76 -0.13 -12.34 2.03
C TYR A 76 0.10 -13.54 1.11
N ASP A 77 1.23 -14.23 1.26
CA ASP A 77 1.53 -15.41 0.43
C ASP A 77 0.54 -16.53 0.65
N ASN A 78 -0.11 -16.57 1.81
CA ASN A 78 -1.07 -17.64 2.11
C ASN A 78 -2.41 -17.45 1.42
N VAL A 79 -2.69 -16.26 0.90
CA VAL A 79 -3.98 -15.99 0.27
C VAL A 79 -4.08 -16.71 -1.06
N VAL A 80 -5.16 -17.46 -1.25
CA VAL A 80 -5.38 -18.22 -2.47
C VAL A 80 -6.53 -17.68 -3.32
N LYS A 81 -7.43 -16.89 -2.74
CA LYS A 81 -8.56 -16.36 -3.52
C LYS A 81 -9.01 -15.09 -2.81
N THR A 82 -9.33 -14.06 -3.59
CA THR A 82 -9.98 -12.88 -3.04
C THR A 82 -11.18 -12.53 -3.89
N THR A 83 -12.10 -11.77 -3.30
CA THR A 83 -13.19 -11.14 -4.03
C THR A 83 -13.13 -9.66 -3.75
N VAL A 84 -13.06 -8.86 -4.81
CA VAL A 84 -12.98 -7.40 -4.69
C VAL A 84 -14.34 -6.83 -5.07
N LEU A 85 -15.03 -6.24 -4.08
CA LEU A 85 -16.36 -5.68 -4.24
C LEU A 85 -16.24 -4.18 -4.29
N LEU A 86 -16.65 -3.57 -5.40
CA LEU A 86 -16.46 -2.14 -5.63
C LEU A 86 -17.80 -1.42 -5.61
N ALA A 87 -17.81 -0.22 -5.04
CA ALA A 87 -18.96 0.67 -5.16
C ALA A 87 -19.04 1.31 -6.54
N ASP A 88 -17.93 1.38 -7.28
CA ASP A 88 -17.92 2.01 -8.60
C ASP A 88 -16.88 1.32 -9.47
N MET A 89 -17.33 0.71 -10.57
CA MET A 89 -16.41 0.04 -11.49
C MET A 89 -15.38 1.01 -12.08
N ASN A 90 -15.67 2.30 -12.10
CA ASN A 90 -14.68 3.27 -12.57
C ASN A 90 -13.43 3.32 -11.69
N ASP A 91 -13.48 2.74 -10.49
CA ASP A 91 -12.32 2.67 -9.61
C ASP A 91 -11.46 1.43 -9.85
N PHE A 92 -11.82 0.63 -10.86
CA PHE A 92 -11.19 -0.68 -11.08
C PHE A 92 -9.67 -0.56 -11.22
N VAL A 93 -9.21 0.31 -12.12
CA VAL A 93 -7.76 0.44 -12.33
C VAL A 93 -7.07 0.90 -11.06
N ASN A 94 -7.64 1.93 -10.40
CA ASN A 94 -6.99 2.47 -9.21
C ASN A 94 -6.93 1.45 -8.09
N VAL A 95 -7.97 0.62 -7.95
CA VAL A 95 -7.93 -0.44 -6.93
C VAL A 95 -6.94 -1.54 -7.31
N ASN A 96 -6.91 -1.94 -8.57
CA ASN A 96 -5.94 -2.94 -9.01
C ASN A 96 -4.51 -2.49 -8.72
N ASP A 97 -4.21 -1.20 -8.96
CA ASP A 97 -2.85 -0.73 -8.70
C ASP A 97 -2.47 -0.86 -7.23
N VAL A 98 -3.40 -0.53 -6.31
CA VAL A 98 -3.14 -0.77 -4.89
C VAL A 98 -3.03 -2.26 -4.60
N TYR A 99 -3.97 -3.05 -5.13
CA TYR A 99 -3.98 -4.50 -4.92
C TYR A 99 -2.64 -5.13 -5.28
N LYS A 100 -2.06 -4.72 -6.43
CA LYS A 100 -0.81 -5.29 -6.90
C LYS A 100 0.36 -5.02 -5.95
N THR A 101 0.28 -3.99 -5.12
CA THR A 101 1.37 -3.76 -4.18
C THR A 101 1.36 -4.71 -2.99
N PHE A 102 0.26 -5.45 -2.79
CA PHE A 102 0.20 -6.46 -1.74
C PHE A 102 0.42 -7.88 -2.26
N PHE A 103 0.06 -8.14 -3.52
CA PHE A 103 0.20 -9.46 -4.15
C PHE A 103 1.07 -9.24 -5.39
N SER A 104 2.35 -9.57 -5.28
CA SER A 104 3.34 -9.25 -6.31
C SER A 104 3.77 -10.45 -7.14
N LYS A 105 3.43 -11.67 -6.74
CA LYS A 105 3.70 -12.88 -7.49
C LYS A 105 2.79 -13.96 -6.90
N ASN A 106 2.74 -15.11 -7.57
CA ASN A 106 1.94 -16.25 -7.10
C ASN A 106 0.55 -15.79 -6.66
N PHE A 107 -0.14 -15.12 -7.59
CA PHE A 107 -1.28 -14.29 -7.23
C PHE A 107 -2.49 -15.15 -6.85
N PRO A 108 -3.30 -14.67 -5.91
CA PRO A 108 -4.59 -15.34 -5.65
C PRO A 108 -5.43 -15.41 -6.91
N ALA A 109 -6.30 -16.42 -6.96
CA ALA A 109 -7.43 -16.34 -7.86
C ALA A 109 -8.30 -15.17 -7.43
N ARG A 110 -9.14 -14.68 -8.34
CA ARG A 110 -9.88 -13.49 -7.96
C ARG A 110 -11.17 -13.36 -8.75
N ALA A 111 -12.16 -12.75 -8.10
CA ALA A 111 -13.34 -12.23 -8.76
C ALA A 111 -13.47 -10.78 -8.37
N ALA A 112 -14.05 -9.97 -9.25
CA ALA A 112 -14.20 -8.55 -8.97
C ALA A 112 -15.42 -8.03 -9.70
N TYR A 113 -16.20 -7.17 -9.03
CA TYR A 113 -17.41 -6.65 -9.64
C TYR A 113 -17.93 -5.47 -8.82
N GLN A 114 -18.82 -4.70 -9.44
CA GLN A 114 -19.41 -3.54 -8.78
C GLN A 114 -20.74 -3.93 -8.17
N VAL A 115 -20.93 -3.57 -6.91
CA VAL A 115 -22.18 -3.77 -6.19
C VAL A 115 -22.83 -2.41 -5.95
N VAL A 116 -24.05 -2.44 -5.40
CA VAL A 116 -24.77 -1.17 -5.17
C VAL A 116 -24.17 -0.41 -3.99
N ALA A 117 -23.94 -1.10 -2.88
CA ALA A 117 -23.51 -0.45 -1.65
C ALA A 117 -22.89 -1.49 -0.73
N LEU A 118 -22.09 -0.99 0.20
CA LEU A 118 -21.30 -1.78 1.14
C LEU A 118 -21.56 -1.28 2.54
N PRO A 119 -21.31 -2.12 3.56
CA PRO A 119 -21.47 -1.66 4.94
C PRO A 119 -20.64 -0.41 5.20
N ARG A 120 -21.14 0.42 6.11
CA ARG A 120 -20.47 1.66 6.53
C ARG A 120 -20.35 2.68 5.40
N GLY A 121 -20.98 2.45 4.26
CA GLY A 121 -20.75 3.33 3.13
C GLY A 121 -19.39 3.18 2.49
N GLY A 122 -18.71 2.07 2.73
CA GLY A 122 -17.41 1.86 2.13
C GLY A 122 -17.46 1.85 0.62
N LEU A 123 -16.32 2.22 0.00
CA LEU A 123 -16.19 2.18 -1.45
C LEU A 123 -15.61 0.88 -1.97
N VAL A 124 -15.13 0.01 -1.07
CA VAL A 124 -14.54 -1.27 -1.46
C VAL A 124 -14.60 -2.18 -0.25
N GLU A 125 -14.84 -3.47 -0.52
CA GLU A 125 -14.81 -4.52 0.48
C GLU A 125 -14.06 -5.69 -0.16
N ILE A 126 -13.12 -6.31 0.57
CA ILE A 126 -12.33 -7.40 0.03
C ILE A 126 -12.39 -8.59 0.98
N GLU A 127 -12.92 -9.72 0.50
CA GLU A 127 -12.93 -10.96 1.26
C GLU A 127 -11.86 -11.89 0.70
N ALA A 128 -11.52 -12.94 1.45
CA ALA A 128 -10.42 -13.77 1.01
C ALA A 128 -10.50 -15.17 1.61
N VAL A 129 -9.83 -16.10 0.94
CA VAL A 129 -9.54 -17.42 1.46
C VAL A 129 -8.04 -17.56 1.44
N ALA A 130 -7.47 -18.04 2.54
CA ALA A 130 -6.06 -18.33 2.65
C ALA A 130 -5.90 -19.78 3.07
N VAL A 131 -4.71 -20.32 2.87
CA VAL A 131 -4.40 -21.67 3.31
C VAL A 131 -3.11 -21.63 4.11
N LEU A 132 -3.12 -22.28 5.27
CA LEU A 132 -1.94 -22.33 6.11
C LEU A 132 -0.95 -23.31 5.51
N GLY A 133 0.33 -23.03 5.71
CA GLY A 133 1.36 -23.97 5.35
C GLY A 133 1.54 -25.00 6.44
N PRO A 134 2.17 -26.16 6.13
CA PRO A 134 2.43 -27.18 7.16
C PRO A 134 3.16 -26.61 8.38
N ALA B 5 5.60 -23.35 8.09
CA ALA B 5 6.36 -23.44 6.83
C ALA B 5 5.62 -22.72 5.71
N ALA B 6 6.12 -22.87 4.49
CA ALA B 6 5.44 -22.33 3.32
C ALA B 6 4.24 -23.20 2.96
N VAL B 7 3.46 -22.74 2.00
CA VAL B 7 2.27 -23.44 1.54
C VAL B 7 2.48 -23.88 0.09
N GLN B 8 2.06 -25.11 -0.21
CA GLN B 8 2.32 -25.74 -1.51
C GLN B 8 1.20 -25.38 -2.49
N LYS B 9 1.27 -24.15 -3.00
CA LYS B 9 0.30 -23.64 -3.96
C LYS B 9 0.73 -24.03 -5.37
N LEU B 10 -0.25 -24.41 -6.20
CA LEU B 10 -0.01 -24.72 -7.60
C LEU B 10 -0.81 -23.76 -8.46
N PHE B 11 -0.25 -23.40 -9.61
CA PHE B 11 -0.81 -22.36 -10.48
C PHE B 11 -0.92 -22.89 -11.91
N PRO B 12 -1.84 -23.82 -12.15
CA PRO B 12 -2.01 -24.34 -13.51
C PRO B 12 -2.45 -23.22 -14.44
N TYR B 13 -1.79 -23.13 -15.59
CA TYR B 13 -2.02 -22.01 -16.50
C TYR B 13 -2.23 -22.54 -17.91
N THR B 14 -3.18 -21.94 -18.64
CA THR B 14 -3.35 -22.23 -20.05
C THR B 14 -3.48 -20.94 -20.86
N PRO B 15 -2.76 -20.80 -21.97
CA PRO B 15 -2.97 -19.64 -22.84
C PRO B 15 -4.29 -19.67 -23.60
N ARG B 16 -5.09 -20.71 -23.40
CA ARG B 16 -6.40 -20.84 -24.08
C ARG B 16 -7.51 -20.14 -23.29
N ALA B 17 -7.19 -19.61 -22.10
CA ALA B 17 -8.14 -18.89 -21.28
C ALA B 17 -7.55 -17.54 -20.90
N PRO B 18 -8.40 -16.56 -20.56
CA PRO B 18 -7.88 -15.21 -20.25
C PRO B 18 -7.19 -15.15 -18.89
N ILE B 19 -6.48 -14.04 -18.70
CA ILE B 19 -5.86 -13.74 -17.42
C ILE B 19 -5.64 -12.23 -17.40
N ARG B 20 -5.60 -11.65 -16.20
CA ARG B 20 -5.03 -10.32 -16.01
C ARG B 20 -3.65 -10.54 -15.42
N GLN B 21 -2.65 -10.60 -16.28
CA GLN B 21 -1.30 -10.93 -15.86
C GLN B 21 -0.81 -9.91 -14.83
N GLY B 22 -0.27 -10.42 -13.73
CA GLY B 22 0.23 -9.55 -12.69
C GLY B 22 -0.81 -9.12 -11.68
N ILE B 23 -2.09 -9.47 -11.88
CA ILE B 23 -3.16 -9.17 -10.93
C ILE B 23 -3.73 -10.42 -10.29
N TYR B 24 -4.08 -11.43 -11.11
CA TYR B 24 -4.61 -12.66 -10.56
C TYR B 24 -4.10 -13.85 -11.35
N SER B 25 -4.19 -15.03 -10.72
CA SER B 25 -3.96 -16.30 -11.39
C SER B 25 -5.28 -16.87 -11.89
N GLN B 26 -5.22 -17.55 -13.05
CA GLN B 26 -6.42 -18.23 -13.53
C GLN B 26 -7.03 -19.14 -12.46
N ALA B 27 -6.18 -19.86 -11.74
CA ALA B 27 -6.63 -20.72 -10.65
C ALA B 27 -5.48 -20.98 -9.69
N VAL B 28 -5.83 -21.29 -8.45
CA VAL B 28 -4.88 -21.68 -7.43
C VAL B 28 -5.34 -23.01 -6.84
N VAL B 29 -4.45 -23.99 -6.81
CA VAL B 29 -4.72 -25.32 -6.28
C VAL B 29 -3.92 -25.50 -5.02
N VAL B 30 -4.59 -25.87 -3.93
CA VAL B 30 -3.94 -26.15 -2.66
C VAL B 30 -4.48 -27.47 -2.15
N ASP B 31 -3.61 -28.46 -2.03
CA ASP B 31 -4.00 -29.83 -1.76
C ASP B 31 -5.07 -30.29 -2.74
N ARG B 32 -6.31 -30.43 -2.28
CA ARG B 32 -7.36 -30.96 -3.13
C ARG B 32 -8.27 -29.90 -3.74
N THR B 33 -8.13 -28.62 -3.36
CA THR B 33 -9.13 -27.62 -3.70
C THR B 33 -8.57 -26.61 -4.69
N MET B 34 -9.38 -26.29 -5.70
CA MET B 34 -8.98 -25.41 -6.79
C MET B 34 -9.91 -24.21 -6.81
N TYR B 35 -9.35 -23.02 -6.59
CA TYR B 35 -10.09 -21.77 -6.64
C TYR B 35 -9.90 -21.16 -8.03
N ILE B 36 -11.01 -20.98 -8.76
CA ILE B 36 -10.97 -20.51 -10.14
C ILE B 36 -11.43 -19.06 -10.19
N SER B 37 -10.64 -18.21 -10.86
CA SER B 37 -11.01 -16.80 -10.97
C SER B 37 -12.31 -16.63 -11.76
N GLY B 38 -12.98 -15.51 -11.49
CA GLY B 38 -14.16 -15.15 -12.25
C GLY B 38 -13.89 -15.13 -13.75
N GLN B 39 -14.69 -15.88 -14.51
CA GLN B 39 -14.51 -16.01 -15.95
C GLN B 39 -15.52 -15.11 -16.66
N LEU B 40 -15.03 -14.41 -17.68
CA LEU B 40 -15.81 -13.52 -18.53
C LEU B 40 -15.89 -14.12 -19.93
N GLY B 41 -16.80 -13.57 -20.74
CA GLY B 41 -17.04 -14.11 -22.07
C GLY B 41 -16.00 -13.67 -23.08
N LEU B 42 -14.72 -13.66 -22.68
CA LEU B 42 -13.64 -13.17 -23.54
C LEU B 42 -13.10 -14.27 -24.44
N ASP B 43 -12.75 -13.89 -25.66
CA ASP B 43 -12.09 -14.77 -26.61
C ASP B 43 -10.61 -14.40 -26.61
N VAL B 44 -9.75 -15.35 -26.20
CA VAL B 44 -8.32 -15.05 -26.10
C VAL B 44 -7.73 -14.69 -27.45
N ALA B 45 -8.28 -15.23 -28.54
CA ALA B 45 -7.72 -14.95 -29.85
C ALA B 45 -7.92 -13.49 -30.24
N SER B 46 -9.01 -12.88 -29.80
CA SER B 46 -9.31 -11.48 -30.11
C SER B 46 -9.03 -10.53 -28.96
N GLY B 47 -9.00 -11.02 -27.73
CA GLY B 47 -8.90 -10.16 -26.57
C GLY B 47 -10.15 -9.37 -26.26
N LYS B 48 -11.28 -9.75 -26.85
CA LYS B 48 -12.52 -9.02 -26.71
C LYS B 48 -13.65 -9.97 -26.33
N LEU B 49 -14.73 -9.39 -25.80
CA LEU B 49 -15.92 -10.19 -25.50
C LEU B 49 -16.51 -10.72 -26.80
N VAL B 50 -17.00 -11.95 -26.76
CA VAL B 50 -17.70 -12.50 -27.91
C VAL B 50 -18.99 -11.71 -28.15
N GLU B 51 -19.41 -11.62 -29.41
CA GLU B 51 -20.63 -10.91 -29.73
C GLU B 51 -21.85 -11.81 -29.49
N GLY B 52 -23.02 -11.18 -29.43
CA GLY B 52 -24.27 -11.92 -29.34
C GLY B 52 -25.00 -11.79 -28.02
N GLY B 53 -24.39 -11.17 -27.02
CA GLY B 53 -25.07 -10.90 -25.77
C GLY B 53 -24.80 -11.93 -24.71
N VAL B 54 -25.70 -11.96 -23.72
CA VAL B 54 -25.44 -12.67 -22.47
C VAL B 54 -25.29 -14.17 -22.70
N GLN B 55 -26.08 -14.74 -23.61
CA GLN B 55 -25.98 -16.18 -23.82
C GLN B 55 -24.64 -16.56 -24.42
N ALA B 56 -24.20 -15.82 -25.44
CA ALA B 56 -22.88 -16.08 -26.02
C ALA B 56 -21.78 -15.88 -24.99
N GLN B 57 -21.88 -14.81 -24.19
CA GLN B 57 -20.84 -14.54 -23.21
C GLN B 57 -20.80 -15.63 -22.13
N ALA B 58 -21.97 -16.09 -21.70
CA ALA B 58 -22.01 -17.14 -20.68
C ALA B 58 -21.37 -18.42 -21.21
N ARG B 59 -21.71 -18.80 -22.44
CA ARG B 59 -21.08 -19.97 -23.05
C ARG B 59 -19.55 -19.82 -23.09
N GLN B 60 -19.06 -18.65 -23.51
CA GLN B 60 -17.62 -18.49 -23.63
C GLN B 60 -16.95 -18.45 -22.26
N ALA B 61 -17.61 -17.89 -21.26
CA ALA B 61 -17.06 -17.92 -19.90
C ALA B 61 -16.87 -19.36 -19.44
N LEU B 62 -17.85 -20.22 -19.73
CA LEU B 62 -17.77 -21.61 -19.31
C LEU B 62 -16.77 -22.41 -20.16
N VAL B 63 -16.64 -22.08 -21.45
CA VAL B 63 -15.55 -22.64 -22.26
C VAL B 63 -14.22 -22.28 -21.64
N ASN B 64 -14.05 -21.00 -21.28
CA ASN B 64 -12.80 -20.57 -20.64
C ASN B 64 -12.55 -21.33 -19.35
N MET B 65 -13.59 -21.46 -18.51
CA MET B 65 -13.44 -22.23 -17.27
C MET B 65 -13.00 -23.66 -17.56
N GLY B 66 -13.55 -24.28 -18.61
CA GLY B 66 -13.15 -25.66 -18.94
C GLY B 66 -11.69 -25.78 -19.31
N GLU B 67 -11.13 -24.80 -20.01
CA GLU B 67 -9.70 -24.85 -20.33
C GLU B 67 -8.86 -24.79 -19.05
N ILE B 68 -9.29 -23.96 -18.09
CA ILE B 68 -8.55 -23.85 -16.84
C ILE B 68 -8.63 -25.15 -16.04
N LEU B 69 -9.83 -25.73 -15.95
CA LEU B 69 -9.99 -27.04 -15.33
C LEU B 69 -9.06 -28.06 -15.96
N LYS B 70 -9.05 -28.11 -17.29
CA LYS B 70 -8.22 -29.09 -18.00
C LYS B 70 -6.74 -28.89 -17.70
N ALA B 71 -6.31 -27.63 -17.55
CA ALA B 71 -4.90 -27.37 -17.24
C ALA B 71 -4.51 -27.97 -15.89
N ALA B 72 -5.47 -28.09 -14.97
CA ALA B 72 -5.21 -28.69 -13.66
C ALA B 72 -5.48 -30.19 -13.65
N GLY B 73 -5.79 -30.79 -14.80
CA GLY B 73 -6.14 -32.19 -14.85
C GLY B 73 -7.55 -32.51 -14.42
N CYS B 74 -8.43 -31.51 -14.43
CA CYS B 74 -9.82 -31.64 -14.02
C CYS B 74 -10.75 -31.44 -15.22
N GLY B 75 -12.05 -31.60 -14.96
CA GLY B 75 -13.09 -31.35 -15.92
C GLY B 75 -14.28 -30.71 -15.23
N TYR B 76 -15.40 -30.57 -15.95
CA TYR B 76 -16.55 -29.91 -15.34
C TYR B 76 -17.07 -30.68 -14.13
N ASP B 77 -16.88 -32.01 -14.11
CA ASP B 77 -17.33 -32.83 -12.98
CA ASP B 77 -17.38 -32.78 -12.98
C ASP B 77 -16.66 -32.43 -11.68
N ASN B 78 -15.48 -31.81 -11.76
CA ASN B 78 -14.79 -31.44 -10.53
C ASN B 78 -15.36 -30.20 -9.86
N VAL B 79 -16.22 -29.44 -10.55
CA VAL B 79 -16.74 -28.21 -9.97
C VAL B 79 -17.76 -28.54 -8.89
N VAL B 80 -17.58 -27.92 -7.71
CA VAL B 80 -18.48 -28.13 -6.59
C VAL B 80 -19.30 -26.91 -6.24
N LYS B 81 -18.90 -25.71 -6.67
CA LYS B 81 -19.64 -24.50 -6.37
CA LYS B 81 -19.63 -24.49 -6.37
C LYS B 81 -19.35 -23.47 -7.46
N THR B 82 -20.39 -22.79 -7.93
CA THR B 82 -20.18 -21.65 -8.81
C THR B 82 -20.99 -20.48 -8.28
N THR B 83 -20.58 -19.28 -8.72
CA THR B 83 -21.36 -18.07 -8.52
C THR B 83 -21.53 -17.43 -9.88
N VAL B 84 -22.79 -17.17 -10.26
CA VAL B 84 -23.13 -16.56 -11.54
C VAL B 84 -23.52 -15.12 -11.27
N LEU B 85 -22.68 -14.19 -11.71
CA LEU B 85 -22.90 -12.76 -11.51
C LEU B 85 -23.47 -12.19 -12.79
N LEU B 86 -24.67 -11.63 -12.72
CA LEU B 86 -25.40 -11.21 -13.90
C LEU B 86 -25.47 -9.69 -13.97
N ALA B 87 -25.38 -9.17 -15.19
CA ALA B 87 -25.73 -7.77 -15.41
C ALA B 87 -27.23 -7.54 -15.38
N ASP B 88 -28.04 -8.58 -15.58
CA ASP B 88 -29.50 -8.42 -15.62
C ASP B 88 -30.14 -9.70 -15.12
N MET B 89 -30.87 -9.59 -13.99
CA MET B 89 -31.52 -10.75 -13.40
C MET B 89 -32.50 -11.40 -14.37
N ASN B 90 -33.01 -10.66 -15.35
CA ASN B 90 -33.93 -11.26 -16.31
C ASN B 90 -33.29 -12.38 -17.11
N ASP B 91 -31.95 -12.42 -17.19
CA ASP B 91 -31.24 -13.39 -18.02
C ASP B 91 -31.09 -14.74 -17.34
N PHE B 92 -31.70 -14.91 -16.16
CA PHE B 92 -31.57 -16.11 -15.34
C PHE B 92 -31.83 -17.38 -16.15
N VAL B 93 -33.00 -17.47 -16.78
CA VAL B 93 -33.35 -18.70 -17.49
C VAL B 93 -32.44 -18.92 -18.69
N ASN B 94 -32.21 -17.86 -19.48
CA ASN B 94 -31.38 -18.03 -20.67
C ASN B 94 -29.96 -18.43 -20.31
N VAL B 95 -29.43 -17.90 -19.20
CA VAL B 95 -28.11 -18.32 -18.76
C VAL B 95 -28.14 -19.74 -18.21
N ASN B 96 -29.19 -20.08 -17.46
CA ASN B 96 -29.32 -21.46 -16.97
C ASN B 96 -29.32 -22.47 -18.12
N ASP B 97 -29.96 -22.13 -19.24
CA ASP B 97 -30.01 -23.05 -20.38
C ASP B 97 -28.62 -23.29 -20.97
N VAL B 98 -27.76 -22.25 -20.97
CA VAL B 98 -26.38 -22.45 -21.37
C VAL B 98 -25.63 -23.26 -20.32
N TYR B 99 -25.77 -22.85 -19.06
CA TYR B 99 -25.08 -23.47 -17.94
C TYR B 99 -25.30 -24.96 -17.89
N LYS B 100 -26.54 -25.42 -18.12
CA LYS B 100 -26.85 -26.84 -18.00
C LYS B 100 -26.20 -27.68 -19.09
N THR B 101 -25.72 -27.06 -20.18
CA THR B 101 -24.97 -27.85 -21.16
C THR B 101 -23.57 -28.17 -20.68
N PHE B 102 -23.06 -27.44 -19.66
CA PHE B 102 -21.77 -27.73 -19.05
C PHE B 102 -21.87 -28.53 -17.76
N PHE B 103 -22.84 -28.24 -16.91
CA PHE B 103 -23.11 -28.96 -15.67
C PHE B 103 -24.46 -29.64 -15.85
N SER B 104 -24.43 -30.86 -16.38
CA SER B 104 -25.62 -31.57 -16.83
C SER B 104 -26.13 -32.59 -15.82
N LYS B 105 -25.36 -32.87 -14.78
CA LYS B 105 -25.76 -33.78 -13.70
C LYS B 105 -24.83 -33.50 -12.52
N ASN B 106 -25.19 -34.06 -11.36
CA ASN B 106 -24.33 -33.94 -10.18
C ASN B 106 -23.93 -32.49 -9.94
N PHE B 107 -24.93 -31.61 -9.86
CA PHE B 107 -24.74 -30.19 -10.11
C PHE B 107 -23.99 -29.50 -8.97
N PRO B 108 -23.18 -28.49 -9.30
CA PRO B 108 -22.56 -27.67 -8.24
C PRO B 108 -23.60 -27.00 -7.36
N ALA B 109 -23.19 -26.67 -6.14
CA ALA B 109 -23.91 -25.65 -5.41
C ALA B 109 -23.78 -24.34 -6.15
N ARG B 110 -24.74 -23.43 -5.93
CA ARG B 110 -24.74 -22.23 -6.76
C ARG B 110 -25.39 -21.06 -6.05
N ALA B 111 -24.96 -19.87 -6.45
CA ALA B 111 -25.70 -18.63 -6.18
C ALA B 111 -25.64 -17.82 -7.45
N ALA B 112 -26.72 -17.11 -7.75
CA ALA B 112 -26.80 -16.27 -8.95
C ALA B 112 -27.58 -15.02 -8.60
N TYR B 113 -27.09 -13.86 -9.03
CA TYR B 113 -27.75 -12.60 -8.68
C TYR B 113 -27.19 -11.50 -9.57
N GLN B 114 -27.89 -10.36 -9.56
CA GLN B 114 -27.56 -9.26 -10.45
C GLN B 114 -26.70 -8.23 -9.74
N VAL B 115 -25.56 -7.90 -10.34
CA VAL B 115 -24.69 -6.86 -9.80
C VAL B 115 -24.79 -5.64 -10.71
N VAL B 116 -24.10 -4.55 -10.34
CA VAL B 116 -24.20 -3.33 -11.13
C VAL B 116 -23.40 -3.45 -12.42
N ALA B 117 -22.15 -3.92 -12.31
CA ALA B 117 -21.27 -3.95 -13.48
C ALA B 117 -20.18 -4.98 -13.27
N LEU B 118 -19.67 -5.48 -14.38
CA LEU B 118 -18.59 -6.46 -14.41
C LEU B 118 -17.39 -5.87 -15.16
N PRO B 119 -16.19 -6.40 -14.92
CA PRO B 119 -15.03 -5.98 -15.71
C PRO B 119 -15.30 -6.15 -17.20
N ARG B 120 -14.70 -5.25 -17.99
CA ARG B 120 -14.78 -5.21 -19.48
C ARG B 120 -16.22 -5.02 -19.96
N GLY B 121 -17.11 -4.52 -19.11
CA GLY B 121 -18.49 -4.38 -19.52
C GLY B 121 -19.21 -5.68 -19.78
N GLY B 122 -18.69 -6.79 -19.28
CA GLY B 122 -19.33 -8.08 -19.50
C GLY B 122 -20.73 -8.13 -18.91
N LEU B 123 -21.54 -9.01 -19.49
CA LEU B 123 -22.92 -9.23 -19.03
C LEU B 123 -23.05 -10.39 -18.06
N VAL B 124 -21.98 -11.15 -17.85
CA VAL B 124 -21.99 -12.30 -16.95
C VAL B 124 -20.54 -12.59 -16.57
N GLU B 125 -20.35 -12.99 -15.31
CA GLU B 125 -19.05 -13.43 -14.79
C GLU B 125 -19.32 -14.65 -13.93
N ILE B 126 -18.52 -15.71 -14.10
CA ILE B 126 -18.77 -16.97 -13.39
C ILE B 126 -17.50 -17.43 -12.68
N GLU B 127 -17.56 -17.50 -11.35
CA GLU B 127 -16.42 -17.99 -10.58
C GLU B 127 -16.76 -19.38 -10.06
N ALA B 128 -15.74 -20.11 -9.63
CA ALA B 128 -15.99 -21.50 -9.27
C ALA B 128 -14.97 -22.00 -8.27
N VAL B 129 -15.38 -23.02 -7.52
CA VAL B 129 -14.49 -23.85 -6.72
C VAL B 129 -14.61 -25.26 -7.26
N ALA B 130 -13.46 -25.90 -7.46
CA ALA B 130 -13.42 -27.28 -7.90
C ALA B 130 -12.58 -28.07 -6.91
N VAL B 131 -12.75 -29.39 -6.92
CA VAL B 131 -11.94 -30.29 -6.10
C VAL B 131 -11.32 -31.34 -7.00
N LEU B 132 -10.04 -31.63 -6.76
CA LEU B 132 -9.30 -32.57 -7.59
C LEU B 132 -9.69 -33.99 -7.23
N GLY B 133 -9.65 -34.87 -8.24
CA GLY B 133 -9.95 -36.27 -8.04
C GLY B 133 -8.69 -37.05 -7.71
N ALA C 5 -8.62 -39.61 -11.43
CA ALA C 5 -9.69 -40.30 -10.70
C ALA C 5 -10.88 -39.37 -10.49
N ALA C 6 -12.08 -39.96 -10.36
CA ALA C 6 -13.25 -39.18 -10.01
C ALA C 6 -13.12 -38.64 -8.59
N VAL C 7 -13.75 -37.50 -8.35
CA VAL C 7 -13.85 -36.93 -7.03
C VAL C 7 -15.18 -37.35 -6.44
N GLN C 8 -15.19 -37.69 -5.14
CA GLN C 8 -16.38 -38.18 -4.47
C GLN C 8 -17.20 -37.02 -3.91
N LYS C 9 -18.39 -36.80 -4.50
CA LYS C 9 -19.25 -35.69 -4.14
C LYS C 9 -20.55 -36.23 -3.57
N LEU C 10 -21.03 -35.62 -2.49
CA LEU C 10 -22.30 -35.98 -1.89
C LEU C 10 -23.22 -34.77 -1.97
N PHE C 11 -24.50 -35.03 -2.20
CA PHE C 11 -25.49 -33.97 -2.40
C PHE C 11 -26.57 -34.11 -1.32
N PRO C 12 -26.42 -33.41 -0.19
CA PRO C 12 -27.50 -33.39 0.81
C PRO C 12 -28.79 -32.88 0.17
N TYR C 13 -29.90 -33.48 0.57
CA TYR C 13 -31.21 -33.05 0.09
C TYR C 13 -32.18 -33.04 1.24
N THR C 14 -32.96 -31.96 1.35
CA THR C 14 -34.09 -31.92 2.26
C THR C 14 -35.31 -31.39 1.53
N PRO C 15 -36.49 -31.99 1.76
CA PRO C 15 -37.72 -31.46 1.17
C PRO C 15 -38.19 -30.18 1.82
N ARG C 16 -37.46 -29.72 2.85
CA ARG C 16 -37.83 -28.53 3.64
C ARG C 16 -37.13 -27.26 3.14
N ALA C 17 -36.34 -27.35 2.07
CA ALA C 17 -35.70 -26.21 1.45
C ALA C 17 -35.90 -26.30 -0.04
N PRO C 18 -35.83 -25.18 -0.77
CA PRO C 18 -36.07 -25.21 -2.21
C PRO C 18 -34.96 -25.92 -2.95
N ILE C 19 -35.25 -26.29 -4.21
CA ILE C 19 -34.25 -26.77 -5.14
C ILE C 19 -34.69 -26.41 -6.55
N ARG C 20 -33.72 -26.10 -7.39
CA ARG C 20 -33.99 -25.86 -8.81
C ARG C 20 -33.48 -27.09 -9.54
N GLN C 21 -34.38 -28.04 -9.77
CA GLN C 21 -34.03 -29.31 -10.36
C GLN C 21 -33.35 -29.11 -11.71
N GLY C 22 -32.24 -29.81 -11.90
CA GLY C 22 -31.46 -29.72 -13.10
C GLY C 22 -30.53 -28.52 -13.21
N ILE C 23 -30.54 -27.63 -12.21
CA ILE C 23 -29.73 -26.42 -12.24
C ILE C 23 -28.65 -26.42 -11.15
N TYR C 24 -29.04 -26.79 -9.92
CA TYR C 24 -28.08 -26.83 -8.82
C TYR C 24 -28.48 -27.89 -7.82
N SER C 25 -27.51 -28.26 -6.98
CA SER C 25 -27.77 -29.06 -5.81
C SER C 25 -27.89 -28.13 -4.62
N GLN C 26 -28.73 -28.50 -3.65
CA GLN C 26 -28.86 -27.68 -2.44
C GLN C 26 -27.51 -27.45 -1.77
N ALA C 27 -26.64 -28.45 -1.79
CA ALA C 27 -25.30 -28.34 -1.26
C ALA C 27 -24.46 -29.44 -1.89
N VAL C 28 -23.16 -29.26 -1.83
CA VAL C 28 -22.19 -30.28 -2.24
C VAL C 28 -21.21 -30.48 -1.11
N VAL C 29 -21.03 -31.73 -0.70
CA VAL C 29 -20.07 -32.09 0.33
C VAL C 29 -18.96 -32.88 -0.33
N VAL C 30 -17.73 -32.39 -0.17
CA VAL C 30 -16.56 -33.09 -0.69
CA VAL C 30 -16.55 -33.09 -0.69
C VAL C 30 -15.45 -33.02 0.35
N ASP C 31 -14.96 -34.18 0.78
CA ASP C 31 -13.83 -34.25 1.72
C ASP C 31 -14.02 -33.32 2.92
N ARG C 32 -15.19 -33.42 3.55
CA ARG C 32 -15.57 -32.74 4.79
C ARG C 32 -16.02 -31.28 4.59
N THR C 33 -15.81 -30.67 3.43
CA THR C 33 -16.24 -29.30 3.20
C THR C 33 -17.56 -29.29 2.44
N MET C 34 -18.48 -28.43 2.88
CA MET C 34 -19.85 -28.39 2.38
C MET C 34 -20.12 -27.00 1.82
N TYR C 35 -20.44 -26.94 0.53
CA TYR C 35 -20.79 -25.68 -0.14
C TYR C 35 -22.31 -25.64 -0.26
N ILE C 36 -22.94 -24.62 0.31
CA ILE C 36 -24.39 -24.54 0.36
C ILE C 36 -24.87 -23.49 -0.64
N SER C 37 -25.84 -23.85 -1.47
CA SER C 37 -26.38 -22.90 -2.43
C SER C 37 -27.01 -21.71 -1.72
N GLY C 38 -27.04 -20.58 -2.43
CA GLY C 38 -27.70 -19.40 -1.87
C GLY C 38 -29.16 -19.62 -1.50
N GLN C 39 -29.55 -19.26 -0.28
CA GLN C 39 -30.90 -19.50 0.23
C GLN C 39 -31.69 -18.19 0.26
N LEU C 40 -32.91 -18.24 -0.29
CA LEU C 40 -33.86 -17.15 -0.23
C LEU C 40 -34.89 -17.45 0.85
N GLY C 41 -35.72 -16.45 1.16
CA GLY C 41 -36.74 -16.63 2.19
C GLY C 41 -38.00 -17.31 1.66
N LEU C 42 -37.80 -18.45 0.98
CA LEU C 42 -38.90 -19.17 0.34
C LEU C 42 -39.47 -20.21 1.29
N ASP C 43 -40.80 -20.29 1.31
CA ASP C 43 -41.50 -21.32 2.06
C ASP C 43 -41.84 -22.43 1.08
N VAL C 44 -41.22 -23.61 1.23
CA VAL C 44 -41.49 -24.69 0.28
C VAL C 44 -42.95 -25.09 0.28
N ALA C 45 -43.64 -24.94 1.41
CA ALA C 45 -45.05 -25.31 1.49
C ALA C 45 -45.91 -24.42 0.61
N SER C 46 -45.62 -23.12 0.60
CA SER C 46 -46.41 -22.18 -0.18
C SER C 46 -45.84 -21.92 -1.58
N GLY C 47 -44.60 -22.32 -1.84
CA GLY C 47 -43.94 -22.00 -3.10
C GLY C 47 -43.68 -20.53 -3.33
N LYS C 48 -43.81 -19.70 -2.29
CA LYS C 48 -43.70 -18.25 -2.41
C LYS C 48 -42.75 -17.76 -1.32
N LEU C 49 -42.26 -16.54 -1.49
CA LEU C 49 -41.54 -15.90 -0.39
C LEU C 49 -42.49 -15.72 0.79
N VAL C 50 -41.94 -15.81 2.01
CA VAL C 50 -42.77 -15.62 3.20
C VAL C 50 -43.30 -14.18 3.25
N GLU C 51 -44.40 -14.00 4.00
CA GLU C 51 -44.85 -12.66 4.36
C GLU C 51 -43.84 -12.01 5.31
N GLY C 52 -43.82 -10.67 5.34
CA GLY C 52 -43.25 -9.94 6.46
C GLY C 52 -41.96 -9.15 6.27
N GLY C 53 -41.47 -9.02 5.03
CA GLY C 53 -40.32 -8.18 4.72
C GLY C 53 -38.98 -8.87 4.90
N VAL C 54 -37.92 -8.04 4.85
CA VAL C 54 -36.57 -8.57 4.79
C VAL C 54 -36.21 -9.41 6.01
N GLN C 55 -36.73 -9.04 7.18
CA GLN C 55 -36.39 -9.81 8.39
C GLN C 55 -37.04 -11.18 8.37
N ALA C 56 -38.31 -11.25 7.98
CA ALA C 56 -38.97 -12.55 7.83
C ALA C 56 -38.27 -13.39 6.76
N GLN C 57 -37.90 -12.76 5.64
CA GLN C 57 -37.21 -13.53 4.59
C GLN C 57 -35.84 -14.00 5.06
N ALA C 58 -35.10 -13.17 5.80
CA ALA C 58 -33.79 -13.61 6.29
C ALA C 58 -33.94 -14.78 7.26
N ARG C 59 -34.96 -14.73 8.13
CA ARG C 59 -35.20 -15.84 9.04
C ARG C 59 -35.49 -17.12 8.26
N GLN C 60 -36.39 -17.05 7.27
CA GLN C 60 -36.72 -18.24 6.51
C GLN C 60 -35.50 -18.77 5.75
N ALA C 61 -34.71 -17.87 5.16
CA ALA C 61 -33.50 -18.31 4.46
C ALA C 61 -32.58 -19.09 5.40
N LEU C 62 -32.45 -18.64 6.65
CA LEU C 62 -31.58 -19.32 7.59
C LEU C 62 -32.22 -20.63 8.10
N VAL C 63 -33.54 -20.64 8.27
CA VAL C 63 -34.22 -21.90 8.56
C VAL C 63 -33.97 -22.91 7.46
N ASN C 64 -34.13 -22.47 6.20
CA ASN C 64 -33.88 -23.38 5.07
C ASN C 64 -32.46 -23.91 5.09
N MET C 65 -31.48 -23.01 5.28
CA MET C 65 -30.09 -23.43 5.38
C MET C 65 -29.90 -24.46 6.49
N GLY C 66 -30.57 -24.28 7.62
CA GLY C 66 -30.44 -25.25 8.70
C GLY C 66 -30.95 -26.64 8.34
N GLU C 67 -31.99 -26.72 7.51
CA GLU C 67 -32.51 -28.03 7.09
C GLU C 67 -31.54 -28.72 6.15
N ILE C 68 -30.89 -27.95 5.27
CA ILE C 68 -29.86 -28.53 4.42
C ILE C 68 -28.67 -29.00 5.26
N LEU C 69 -28.26 -28.19 6.24
CA LEU C 69 -27.21 -28.61 7.16
C LEU C 69 -27.56 -29.93 7.83
N LYS C 70 -28.81 -30.07 8.30
CA LYS C 70 -29.25 -31.30 8.95
C LYS C 70 -29.12 -32.49 8.02
N ALA C 71 -29.44 -32.31 6.75
CA ALA C 71 -29.35 -33.42 5.81
C ALA C 71 -27.91 -33.91 5.68
N ALA C 72 -26.93 -33.04 5.91
CA ALA C 72 -25.52 -33.42 5.89
C ALA C 72 -24.99 -33.83 7.24
N GLY C 73 -25.87 -34.01 8.23
CA GLY C 73 -25.42 -34.34 9.57
C GLY C 73 -24.82 -33.18 10.33
N CYS C 74 -25.10 -31.95 9.90
CA CYS C 74 -24.52 -30.74 10.47
C CYS C 74 -25.58 -29.88 11.14
N GLY C 75 -25.09 -28.84 11.83
CA GLY C 75 -25.93 -27.82 12.41
C GLY C 75 -25.33 -26.45 12.13
N TYR C 76 -25.91 -25.40 12.71
CA TYR C 76 -25.41 -24.05 12.45
C TYR C 76 -23.98 -23.87 12.91
N ASP C 77 -23.56 -24.63 13.94
CA ASP C 77 -22.19 -24.56 14.44
CA ASP C 77 -22.19 -24.51 14.41
C ASP C 77 -21.17 -25.00 13.40
N ASN C 78 -21.59 -25.78 12.39
CA ASN C 78 -20.66 -26.23 11.36
C ASN C 78 -20.36 -25.15 10.32
N VAL C 79 -21.13 -24.06 10.30
CA VAL C 79 -20.91 -23.02 9.28
C VAL C 79 -19.64 -22.25 9.60
N VAL C 80 -18.78 -22.09 8.60
CA VAL C 80 -17.53 -21.36 8.77
C VAL C 80 -17.49 -20.04 8.01
N LYS C 81 -18.35 -19.84 7.01
CA LYS C 81 -18.35 -18.62 6.23
C LYS C 81 -19.73 -18.45 5.63
N THR C 82 -20.26 -17.23 5.68
CA THR C 82 -21.48 -16.92 4.94
C THR C 82 -21.27 -15.65 4.13
N THR C 83 -22.14 -15.45 3.14
CA THR C 83 -22.21 -14.21 2.40
C THR C 83 -23.66 -13.76 2.43
N VAL C 84 -23.89 -12.53 2.89
CA VAL C 84 -25.23 -11.97 3.00
C VAL C 84 -25.43 -10.99 1.85
N LEU C 85 -26.35 -11.32 0.95
CA LEU C 85 -26.66 -10.51 -0.23
C LEU C 85 -27.96 -9.77 0.05
N LEU C 86 -27.93 -8.45 -0.02
CA LEU C 86 -29.07 -7.62 0.36
C LEU C 86 -29.63 -6.87 -0.84
N ALA C 87 -30.96 -6.76 -0.89
CA ALA C 87 -31.61 -5.85 -1.82
C ALA C 87 -31.46 -4.39 -1.40
N ASP C 88 -31.19 -4.12 -0.12
CA ASP C 88 -31.11 -2.76 0.39
C ASP C 88 -30.15 -2.75 1.57
N MET C 89 -29.02 -2.04 1.43
CA MET C 89 -28.04 -1.96 2.51
C MET C 89 -28.61 -1.30 3.77
N ASN C 90 -29.66 -0.49 3.63
CA ASN C 90 -30.26 0.07 4.83
C ASN C 90 -30.89 -1.00 5.73
N ASP C 91 -31.01 -2.23 5.24
CA ASP C 91 -31.54 -3.35 6.02
C ASP C 91 -30.45 -4.07 6.84
N PHE C 92 -29.22 -3.53 6.84
CA PHE C 92 -28.07 -4.21 7.43
C PHE C 92 -28.33 -4.59 8.89
N VAL C 93 -28.70 -3.62 9.73
CA VAL C 93 -28.92 -3.93 11.14
C VAL C 93 -30.09 -4.90 11.30
N ASN C 94 -31.18 -4.68 10.56
CA ASN C 94 -32.34 -5.57 10.68
C ASN C 94 -31.94 -7.01 10.36
N VAL C 95 -31.13 -7.20 9.32
CA VAL C 95 -30.73 -8.55 8.95
C VAL C 95 -29.74 -9.12 9.96
N ASN C 96 -28.77 -8.30 10.42
CA ASN C 96 -27.87 -8.75 11.48
C ASN C 96 -28.66 -9.22 12.70
N ASP C 97 -29.74 -8.51 13.02
CA ASP C 97 -30.52 -8.83 14.21
C ASP C 97 -31.22 -10.19 14.10
N VAL C 98 -31.56 -10.63 12.88
CA VAL C 98 -32.07 -11.99 12.70
C VAL C 98 -30.91 -12.98 12.62
N TYR C 99 -29.88 -12.63 11.86
CA TYR C 99 -28.75 -13.51 11.62
C TYR C 99 -28.13 -13.98 12.93
N LYS C 100 -27.90 -13.05 13.87
CA LYS C 100 -27.21 -13.38 15.10
C LYS C 100 -28.01 -14.33 16.00
N THR C 101 -29.32 -14.48 15.78
CA THR C 101 -30.06 -15.46 16.56
C THR C 101 -29.77 -16.90 16.18
N PHE C 102 -29.10 -17.14 15.04
CA PHE C 102 -28.80 -18.49 14.60
C PHE C 102 -27.40 -18.94 14.99
N PHE C 103 -26.52 -18.00 15.37
CA PHE C 103 -25.17 -18.28 15.82
C PHE C 103 -24.93 -17.62 17.17
N SER C 104 -24.47 -18.39 18.15
CA SER C 104 -24.29 -17.86 19.50
C SER C 104 -22.84 -17.60 19.87
N LYS C 105 -21.91 -18.23 19.18
CA LYS C 105 -20.49 -18.09 19.46
C LYS C 105 -19.76 -18.73 18.30
N ASN C 106 -18.43 -18.57 18.27
CA ASN C 106 -17.61 -19.20 17.24
C ASN C 106 -18.19 -18.88 15.86
N PHE C 107 -18.39 -17.59 15.60
CA PHE C 107 -19.21 -17.14 14.50
C PHE C 107 -18.54 -17.40 13.15
N PRO C 108 -19.33 -17.61 12.10
CA PRO C 108 -18.74 -17.70 10.75
C PRO C 108 -18.03 -16.40 10.38
N ALA C 109 -17.01 -16.53 9.53
CA ALA C 109 -16.57 -15.37 8.79
C ALA C 109 -17.71 -14.90 7.90
N ARG C 110 -17.65 -13.65 7.45
CA ARG C 110 -18.80 -13.14 6.71
C ARG C 110 -18.40 -12.03 5.76
N ALA C 111 -19.15 -11.94 4.65
CA ALA C 111 -19.14 -10.76 3.79
C ALA C 111 -20.60 -10.37 3.57
N ALA C 112 -20.83 -9.09 3.29
CA ALA C 112 -22.19 -8.59 3.11
C ALA C 112 -22.14 -7.41 2.17
N TYR C 113 -23.12 -7.31 1.28
CA TYR C 113 -23.18 -6.19 0.33
C TYR C 113 -24.57 -6.16 -0.30
N GLN C 114 -24.92 -5.00 -0.86
CA GLN C 114 -26.19 -4.82 -1.54
C GLN C 114 -25.99 -5.10 -3.03
N VAL C 115 -26.83 -5.99 -3.57
CA VAL C 115 -26.85 -6.29 -4.98
C VAL C 115 -28.01 -5.56 -5.65
N VAL C 116 -28.11 -5.66 -6.97
CA VAL C 116 -29.20 -4.98 -7.66
C VAL C 116 -30.49 -5.77 -7.54
N ALA C 117 -30.43 -7.08 -7.73
CA ALA C 117 -31.63 -7.90 -7.72
C ALA C 117 -31.25 -9.34 -7.40
N LEU C 118 -32.17 -10.04 -6.76
CA LEU C 118 -32.05 -11.45 -6.43
C LEU C 118 -33.15 -12.24 -7.14
N PRO C 119 -33.00 -13.55 -7.28
CA PRO C 119 -34.08 -14.34 -7.88
C PRO C 119 -35.36 -14.18 -7.08
N ARG C 120 -36.49 -14.29 -7.79
CA ARG C 120 -37.83 -14.26 -7.21
C ARG C 120 -38.16 -12.93 -6.54
N GLY C 121 -37.37 -11.89 -6.79
CA GLY C 121 -37.60 -10.63 -6.12
C GLY C 121 -37.24 -10.66 -4.66
N GLY C 122 -36.43 -11.63 -4.23
CA GLY C 122 -36.11 -11.74 -2.82
C GLY C 122 -35.36 -10.51 -2.31
N LEU C 123 -35.53 -10.25 -1.02
CA LEU C 123 -34.90 -9.09 -0.39
C LEU C 123 -33.58 -9.43 0.28
N VAL C 124 -33.26 -10.72 0.41
CA VAL C 124 -32.05 -11.17 1.07
C VAL C 124 -31.79 -12.60 0.62
N GLU C 125 -30.51 -12.92 0.41
CA GLU C 125 -30.07 -14.26 0.05
C GLU C 125 -28.78 -14.55 0.81
N ILE C 126 -28.65 -15.76 1.34
CA ILE C 126 -27.48 -16.10 2.15
C ILE C 126 -26.87 -17.40 1.64
N GLU C 127 -25.61 -17.33 1.22
CA GLU C 127 -24.87 -18.55 0.90
C GLU C 127 -23.89 -18.86 2.01
N ALA C 128 -23.38 -20.09 2.03
CA ALA C 128 -22.54 -20.48 3.15
C ALA C 128 -21.58 -21.60 2.75
N VAL C 129 -20.50 -21.69 3.52
CA VAL C 129 -19.61 -22.84 3.54
C VAL C 129 -19.63 -23.40 4.96
N ALA C 130 -19.66 -24.73 5.07
CA ALA C 130 -19.61 -25.40 6.35
C ALA C 130 -18.57 -26.51 6.28
N VAL C 131 -18.16 -27.00 7.43
CA VAL C 131 -17.22 -28.12 7.52
C VAL C 131 -17.79 -29.15 8.47
N LEU C 132 -17.81 -30.41 8.03
CA LEU C 132 -18.39 -31.48 8.82
C LEU C 132 -17.49 -31.78 10.01
N GLY C 133 -18.09 -32.32 11.07
CA GLY C 133 -17.34 -32.68 12.26
C GLY C 133 -16.61 -34.00 12.14
N SER D 2 21.40 25.95 28.94
CA SER D 2 20.98 25.55 27.60
C SER D 2 20.01 26.55 27.00
N HIS D 3 20.32 27.05 25.80
CA HIS D 3 19.40 27.93 25.11
C HIS D 3 18.15 27.15 24.75
N MET D 4 17.00 27.69 25.12
CA MET D 4 15.73 27.08 24.78
C MET D 4 15.04 27.90 23.71
N ALA D 5 14.55 27.21 22.67
CA ALA D 5 13.90 27.87 21.56
C ALA D 5 12.51 28.33 21.98
N ALA D 6 12.17 29.57 21.60
CA ALA D 6 10.84 30.10 21.88
C ALA D 6 9.90 29.78 20.72
N VAL D 7 9.77 28.48 20.45
CA VAL D 7 8.92 27.94 19.40
C VAL D 7 8.06 26.84 20.01
N GLN D 8 6.79 26.80 19.64
CA GLN D 8 5.96 25.64 19.96
C GLN D 8 6.27 24.54 18.96
N LYS D 9 6.61 23.36 19.46
CA LYS D 9 6.81 22.19 18.62
C LYS D 9 5.67 21.21 18.84
N LEU D 10 5.48 20.34 17.85
CA LEU D 10 4.68 19.14 17.99
C LEU D 10 5.55 17.94 17.65
N PHE D 11 5.38 16.86 18.42
CA PHE D 11 6.06 15.60 18.15
C PHE D 11 4.98 14.57 17.87
N PRO D 12 4.38 14.59 16.68
CA PRO D 12 3.32 13.62 16.36
C PRO D 12 3.81 12.20 16.58
N TYR D 13 2.95 11.39 17.19
CA TYR D 13 3.31 10.02 17.53
C TYR D 13 2.18 9.08 17.17
N THR D 14 2.53 7.93 16.58
CA THR D 14 1.57 6.87 16.42
C THR D 14 2.23 5.53 16.74
N PRO D 15 1.58 4.67 17.55
CA PRO D 15 2.12 3.33 17.78
C PRO D 15 1.97 2.41 16.58
N ARG D 16 1.37 2.88 15.48
CA ARG D 16 1.28 2.10 14.26
C ARG D 16 2.40 2.41 13.27
N ALA D 17 3.46 3.08 13.70
CA ALA D 17 4.66 3.25 12.92
C ALA D 17 5.85 3.06 13.84
N PRO D 18 7.01 2.70 13.30
CA PRO D 18 8.20 2.48 14.14
C PRO D 18 8.75 3.78 14.70
N ILE D 19 9.61 3.61 15.71
CA ILE D 19 10.39 4.72 16.26
C ILE D 19 11.63 4.11 16.91
N ARG D 20 12.71 4.90 16.96
CA ARG D 20 13.84 4.59 17.82
C ARG D 20 13.70 5.50 19.04
N GLN D 21 12.97 5.00 20.03
CA GLN D 21 12.69 5.78 21.23
C GLN D 21 14.00 6.24 21.85
N GLY D 22 14.09 7.52 22.12
CA GLY D 22 15.30 8.06 22.72
C GLY D 22 16.38 8.47 21.74
N ILE D 23 16.14 8.31 20.44
CA ILE D 23 17.06 8.75 19.40
C ILE D 23 16.40 9.77 18.47
N TYR D 24 15.22 9.46 17.94
CA TYR D 24 14.52 10.40 17.07
C TYR D 24 13.02 10.39 17.33
N SER D 25 12.38 11.50 17.00
CA SER D 25 10.93 11.56 16.97
C SER D 25 10.46 11.10 15.59
N GLN D 26 9.25 10.55 15.53
CA GLN D 26 8.70 10.16 14.22
C GLN D 26 8.59 11.36 13.29
N ALA D 27 8.19 12.51 13.85
CA ALA D 27 8.15 13.75 13.09
C ALA D 27 8.25 14.91 14.07
N VAL D 28 8.62 16.08 13.54
CA VAL D 28 8.55 17.33 14.29
C VAL D 28 7.82 18.36 13.43
N VAL D 29 6.84 19.03 14.02
CA VAL D 29 6.08 20.08 13.34
C VAL D 29 6.39 21.41 14.02
N VAL D 30 6.78 22.41 13.22
CA VAL D 30 6.93 23.77 13.71
C VAL D 30 6.33 24.70 12.64
N ASP D 31 5.40 25.56 13.06
CA ASP D 31 4.82 26.56 12.15
C ASP D 31 4.33 25.91 10.84
N ARG D 32 3.65 24.78 10.99
CA ARG D 32 3.01 24.04 9.90
C ARG D 32 3.94 23.25 8.99
N THR D 33 5.25 23.33 9.16
CA THR D 33 6.16 22.46 8.40
C THR D 33 6.48 21.23 9.23
N MET D 34 6.34 20.06 8.62
CA MET D 34 6.48 18.79 9.32
C MET D 34 7.63 18.01 8.71
N TYR D 35 8.67 17.77 9.52
CA TYR D 35 9.82 16.97 9.11
C TYR D 35 9.59 15.54 9.60
N ILE D 36 9.56 14.59 8.67
CA ILE D 36 9.27 13.19 8.98
C ILE D 36 10.55 12.37 8.89
N SER D 37 10.80 11.58 9.92
CA SER D 37 11.98 10.71 9.94
C SER D 37 11.94 9.69 8.81
N GLY D 38 13.13 9.25 8.39
CA GLY D 38 13.22 8.24 7.35
C GLY D 38 12.47 6.98 7.75
N GLN D 39 11.55 6.52 6.89
CA GLN D 39 10.72 5.36 7.18
C GLN D 39 11.31 4.13 6.50
N LEU D 40 11.37 3.02 7.25
CA LEU D 40 11.77 1.72 6.75
C LEU D 40 10.55 0.82 6.63
N GLY D 41 10.72 -0.29 5.93
CA GLY D 41 9.60 -1.20 5.71
C GLY D 41 9.37 -2.12 6.90
N LEU D 42 9.37 -1.56 8.09
CA LEU D 42 9.23 -2.33 9.33
C LEU D 42 7.78 -2.50 9.74
N ASP D 43 7.46 -3.70 10.20
CA ASP D 43 6.19 -3.99 10.86
C ASP D 43 6.39 -3.71 12.34
N VAL D 44 5.69 -2.69 12.87
CA VAL D 44 5.99 -2.19 14.21
C VAL D 44 5.73 -3.26 15.27
N ALA D 45 4.77 -4.15 15.01
CA ALA D 45 4.44 -5.19 15.99
C ALA D 45 5.59 -6.16 16.18
N SER D 46 6.10 -6.73 15.09
CA SER D 46 7.16 -7.73 15.16
C SER D 46 8.54 -7.11 15.31
N GLY D 47 8.69 -5.82 14.99
CA GLY D 47 10.00 -5.22 15.01
C GLY D 47 10.91 -5.67 13.89
N LYS D 48 10.36 -6.33 12.87
CA LYS D 48 11.13 -6.85 11.75
C LYS D 48 10.62 -6.27 10.45
N LEU D 49 11.50 -6.29 9.44
CA LEU D 49 11.09 -5.90 8.10
C LEU D 49 10.01 -6.85 7.60
N VAL D 50 9.02 -6.30 6.88
CA VAL D 50 7.99 -7.14 6.30
C VAL D 50 8.60 -8.09 5.27
N GLU D 51 7.94 -9.22 5.06
CA GLU D 51 8.34 -10.16 4.03
C GLU D 51 7.92 -9.65 2.66
N GLY D 52 8.63 -10.10 1.63
CA GLY D 52 8.26 -9.78 0.27
C GLY D 52 9.22 -8.88 -0.49
N GLY D 53 10.38 -8.57 0.08
CA GLY D 53 11.40 -7.84 -0.65
C GLY D 53 11.09 -6.35 -0.80
N VAL D 54 11.78 -5.74 -1.77
CA VAL D 54 11.80 -4.28 -1.85
C VAL D 54 10.42 -3.69 -2.11
N GLN D 55 9.59 -4.38 -2.89
CA GLN D 55 8.25 -3.84 -3.18
C GLN D 55 7.42 -3.79 -1.90
N ALA D 56 7.43 -4.87 -1.12
CA ALA D 56 6.70 -4.87 0.14
C ALA D 56 7.28 -3.86 1.12
N GLN D 57 8.60 -3.77 1.18
CA GLN D 57 9.21 -2.83 2.12
C GLN D 57 8.89 -1.39 1.74
N ALA D 58 8.86 -1.08 0.44
CA ALA D 58 8.51 0.28 0.02
C ALA D 58 7.05 0.58 0.38
N ARG D 59 6.16 -0.39 0.14
CA ARG D 59 4.78 -0.22 0.53
C ARG D 59 4.66 0.02 2.03
N GLN D 60 5.34 -0.80 2.84
CA GLN D 60 5.25 -0.64 4.29
C GLN D 60 5.85 0.68 4.75
N ALA D 61 6.99 1.09 4.16
CA ALA D 61 7.57 2.38 4.53
C ALA D 61 6.58 3.51 4.28
N LEU D 62 5.85 3.46 3.14
CA LEU D 62 4.90 4.52 2.84
C LEU D 62 3.64 4.41 3.71
N VAL D 63 3.20 3.18 4.03
CA VAL D 63 2.11 3.03 5.00
C VAL D 63 2.52 3.60 6.34
N ASN D 64 3.75 3.31 6.78
CA ASN D 64 4.23 3.88 8.04
C ASN D 64 4.21 5.40 8.00
N MET D 65 4.70 5.99 6.91
CA MET D 65 4.68 7.44 6.76
C MET D 65 3.25 7.96 6.86
N GLY D 66 2.31 7.27 6.22
CA GLY D 66 0.91 7.69 6.30
C GLY D 66 0.38 7.70 7.71
N GLU D 67 0.80 6.74 8.54
CA GLU D 67 0.31 6.72 9.92
C GLU D 67 0.84 7.92 10.69
N ILE D 68 2.09 8.31 10.43
CA ILE D 68 2.67 9.49 11.06
C ILE D 68 1.99 10.76 10.55
N LEU D 69 1.74 10.84 9.24
CA LEU D 69 0.97 11.97 8.71
C LEU D 69 -0.37 12.11 9.42
N LYS D 70 -1.10 10.98 9.57
CA LYS D 70 -2.42 11.04 10.20
C LYS D 70 -2.34 11.50 11.65
N ALA D 71 -1.29 11.12 12.37
CA ALA D 71 -1.13 11.57 13.75
C ALA D 71 -1.04 13.09 13.84
N ALA D 72 -0.54 13.74 12.80
CA ALA D 72 -0.50 15.19 12.73
C ALA D 72 -1.70 15.79 12.01
N GLY D 73 -2.72 14.97 11.72
CA GLY D 73 -3.87 15.47 11.01
C GLY D 73 -3.67 15.65 9.52
N CYS D 74 -2.58 15.10 8.98
CA CYS D 74 -2.26 15.25 7.57
C CYS D 74 -2.58 13.96 6.82
N GLY D 75 -2.44 14.04 5.49
CA GLY D 75 -2.49 12.90 4.61
C GLY D 75 -1.39 12.99 3.58
N TYR D 76 -1.41 12.10 2.58
CA TYR D 76 -0.32 12.14 1.60
C TYR D 76 -0.33 13.42 0.79
N ASP D 77 -1.50 14.07 0.64
CA ASP D 77 -1.58 15.34 -0.06
C ASP D 77 -0.71 16.41 0.57
N ASN D 78 -0.40 16.30 1.87
CA ASN D 78 0.40 17.31 2.54
C ASN D 78 1.90 17.19 2.25
N VAL D 79 2.34 16.07 1.66
CA VAL D 79 3.77 15.85 1.44
C VAL D 79 4.24 16.74 0.29
N VAL D 80 5.32 17.49 0.54
CA VAL D 80 5.88 18.39 -0.46
C VAL D 80 7.21 17.92 -1.01
N LYS D 81 7.90 17.02 -0.33
CA LYS D 81 9.23 16.58 -0.75
C LYS D 81 9.46 15.23 -0.11
N THR D 82 9.99 14.28 -0.89
CA THR D 82 10.47 13.02 -0.33
C THR D 82 11.88 12.76 -0.85
N THR D 83 12.59 11.89 -0.12
CA THR D 83 13.85 11.34 -0.59
C THR D 83 13.74 9.82 -0.51
N VAL D 84 14.00 9.15 -1.62
CA VAL D 84 13.91 7.70 -1.73
C VAL D 84 15.32 7.14 -1.73
N LEU D 85 15.67 6.40 -0.69
CA LEU D 85 17.00 5.82 -0.54
C LEU D 85 16.87 4.32 -0.83
N LEU D 86 17.65 3.83 -1.79
CA LEU D 86 17.55 2.43 -2.24
C LEU D 86 18.84 1.68 -1.92
N ALA D 87 18.69 0.41 -1.55
CA ALA D 87 19.86 -0.48 -1.49
C ALA D 87 20.35 -0.89 -2.87
N ASP D 88 19.51 -0.81 -3.90
CA ASP D 88 19.89 -1.27 -5.23
C ASP D 88 19.11 -0.46 -6.26
N MET D 89 19.82 0.25 -7.13
CA MET D 89 19.18 1.04 -8.17
C MET D 89 18.36 0.17 -9.11
N ASN D 90 18.66 -1.12 -9.21
CA ASN D 90 17.87 -2.01 -10.05
C ASN D 90 16.42 -2.10 -9.58
N ASP D 91 16.13 -1.72 -8.33
CA ASP D 91 14.78 -1.75 -7.77
C ASP D 91 13.99 -0.48 -8.08
N PHE D 92 14.59 0.46 -8.80
CA PHE D 92 14.01 1.79 -9.03
C PHE D 92 12.60 1.70 -9.61
N VAL D 93 12.46 0.99 -10.73
CA VAL D 93 11.14 0.90 -11.38
C VAL D 93 10.11 0.31 -10.44
N ASN D 94 10.45 -0.79 -9.78
CA ASN D 94 9.49 -1.43 -8.88
C ASN D 94 9.12 -0.51 -7.73
N VAL D 95 10.08 0.22 -7.18
CA VAL D 95 9.77 1.15 -6.10
C VAL D 95 8.90 2.29 -6.60
N ASN D 96 9.22 2.82 -7.80
CA ASN D 96 8.38 3.86 -8.39
C ASN D 96 6.93 3.38 -8.56
N ASP D 97 6.75 2.13 -9.00
CA ASP D 97 5.38 1.63 -9.19
C ASP D 97 4.60 1.59 -7.87
N VAL D 98 5.25 1.21 -6.77
CA VAL D 98 4.59 1.26 -5.46
C VAL D 98 4.33 2.72 -5.08
N TYR D 99 5.34 3.56 -5.21
CA TYR D 99 5.28 4.96 -4.79
C TYR D 99 4.10 5.68 -5.43
N LYS D 100 3.85 5.43 -6.71
CA LYS D 100 2.78 6.16 -7.36
C LYS D 100 1.37 5.73 -6.92
N THR D 101 1.22 4.64 -6.17
CA THR D 101 -0.07 4.32 -5.59
C THR D 101 -0.36 5.12 -4.32
N PHE D 102 0.63 5.85 -3.81
CA PHE D 102 0.44 6.71 -2.63
C PHE D 102 0.30 8.18 -3.00
N PHE D 103 0.92 8.61 -4.10
CA PHE D 103 0.84 9.99 -4.57
C PHE D 103 0.29 9.94 -6.00
N SER D 104 -0.92 10.45 -6.19
CA SER D 104 -1.64 10.28 -7.45
C SER D 104 -1.69 11.53 -8.29
N LYS D 105 -1.41 12.69 -7.72
CA LYS D 105 -1.39 13.97 -8.43
C LYS D 105 -0.68 14.95 -7.51
N ASN D 106 -0.39 16.14 -8.04
CA ASN D 106 0.23 17.20 -7.24
C ASN D 106 1.44 16.64 -6.46
N PHE D 107 2.33 16.00 -7.20
CA PHE D 107 3.31 15.10 -6.59
C PHE D 107 4.36 15.88 -5.80
N PRO D 108 4.90 15.26 -4.75
CA PRO D 108 6.04 15.87 -4.06
C PRO D 108 7.22 16.06 -5.01
N ALA D 109 8.04 17.07 -4.70
CA ALA D 109 9.40 17.08 -5.21
C ALA D 109 10.12 15.85 -4.67
N ARG D 110 11.16 15.42 -5.37
CA ARG D 110 11.76 14.16 -4.98
C ARG D 110 13.22 14.10 -5.37
N ALA D 111 13.99 13.36 -4.58
CA ALA D 111 15.31 12.89 -4.96
C ALA D 111 15.35 11.40 -4.69
N ALA D 112 16.09 10.68 -5.52
CA ALA D 112 16.22 9.24 -5.34
C ALA D 112 17.64 8.83 -5.68
N TYR D 113 18.16 7.84 -4.96
CA TYR D 113 19.50 7.34 -5.23
C TYR D 113 19.76 6.08 -4.43
N GLN D 114 20.83 5.39 -4.82
CA GLN D 114 21.24 4.16 -4.15
C GLN D 114 22.35 4.48 -3.15
N VAL D 115 22.17 4.00 -1.92
CA VAL D 115 23.18 4.14 -0.87
C VAL D 115 23.82 2.78 -0.62
N VAL D 116 24.81 2.75 0.27
CA VAL D 116 25.50 1.49 0.54
C VAL D 116 24.66 0.59 1.43
N ALA D 117 24.06 1.15 2.48
CA ALA D 117 23.33 0.33 3.43
C ALA D 117 22.39 1.23 4.21
N LEU D 118 21.28 0.64 4.65
CA LEU D 118 20.28 1.33 5.44
C LEU D 118 20.19 0.68 6.80
N PRO D 119 19.63 1.36 7.80
CA PRO D 119 19.42 0.71 9.10
C PRO D 119 18.62 -0.57 8.95
N ARG D 120 18.94 -1.54 9.82
CA ARG D 120 18.25 -2.88 9.90
C ARG D 120 18.38 -3.64 8.59
N GLY D 121 19.30 -3.27 7.71
CA GLY D 121 19.42 -3.97 6.45
C GLY D 121 18.24 -3.77 5.52
N GLY D 122 17.49 -2.69 5.69
CA GLY D 122 16.36 -2.45 4.81
C GLY D 122 16.80 -2.23 3.37
N LEU D 123 15.89 -2.51 2.45
CA LEU D 123 16.16 -2.33 1.03
C LEU D 123 15.73 -0.95 0.54
N VAL D 124 14.98 -0.21 1.33
CA VAL D 124 14.49 1.11 0.94
C VAL D 124 14.18 1.89 2.20
N GLU D 125 14.43 3.19 2.15
CA GLU D 125 14.07 4.10 3.24
C GLU D 125 13.58 5.39 2.61
N ILE D 126 12.50 5.97 3.15
CA ILE D 126 11.88 7.14 2.54
C ILE D 126 11.66 8.19 3.61
N GLU D 127 12.27 9.38 3.43
CA GLU D 127 12.03 10.50 4.33
C GLU D 127 11.16 11.53 3.61
N ALA D 128 10.58 12.44 4.38
CA ALA D 128 9.62 13.36 3.79
C ALA D 128 9.58 14.67 4.56
N VAL D 129 9.16 15.72 3.83
CA VAL D 129 8.74 16.98 4.41
C VAL D 129 7.29 17.19 3.98
N ALA D 130 6.45 17.58 4.93
CA ALA D 130 5.05 17.87 4.66
C ALA D 130 4.71 19.25 5.18
N VAL D 131 3.65 19.85 4.66
CA VAL D 131 3.16 21.12 5.18
C VAL D 131 1.68 21.00 5.51
N LEU D 132 1.31 21.40 6.72
CA LEU D 132 -0.05 21.29 7.18
C LEU D 132 -0.92 22.34 6.51
N GLY D 133 -2.21 22.06 6.42
CA GLY D 133 -3.16 23.06 6.01
C GLY D 133 -3.62 23.85 7.21
N PRO D 134 -4.42 24.91 7.00
CA PRO D 134 -4.97 25.63 8.15
C PRO D 134 -6.12 24.88 8.80
N ALA E 5 -8.00 21.75 6.48
CA ALA E 5 -8.09 22.49 5.22
C ALA E 5 -6.91 22.15 4.32
N ALA E 6 -7.18 22.06 3.01
CA ALA E 6 -6.16 21.66 2.06
C ALA E 6 -5.04 22.69 2.00
N VAL E 7 -3.79 22.20 1.96
CA VAL E 7 -2.65 23.08 1.90
C VAL E 7 -2.52 23.66 0.49
N GLN E 8 -2.25 24.97 0.42
CA GLN E 8 -2.20 25.70 -0.85
C GLN E 8 -0.79 25.61 -1.42
N LYS E 9 -0.63 24.84 -2.49
CA LYS E 9 0.67 24.61 -3.11
C LYS E 9 0.64 25.09 -4.55
N LEU E 10 1.84 25.38 -5.07
CA LEU E 10 2.03 25.66 -6.48
C LEU E 10 3.03 24.65 -7.05
N PHE E 11 2.88 24.35 -8.33
CA PHE E 11 3.69 23.35 -9.01
C PHE E 11 4.25 23.97 -10.28
N PRO E 12 5.19 24.90 -10.14
CA PRO E 12 5.78 25.55 -11.33
C PRO E 12 6.45 24.50 -12.21
N TYR E 13 6.18 24.56 -13.50
CA TYR E 13 6.71 23.59 -14.42
C TYR E 13 7.30 24.31 -15.62
N THR E 14 8.45 23.83 -16.09
CA THR E 14 9.02 24.34 -17.33
C THR E 14 9.40 23.15 -18.23
N PRO E 15 9.00 23.18 -19.50
CA PRO E 15 9.47 22.15 -20.45
C PRO E 15 10.95 22.27 -20.79
N ARG E 16 11.65 23.28 -20.26
CA ARG E 16 13.08 23.43 -20.47
C ARG E 16 13.91 22.57 -19.54
N ALA E 17 13.29 21.86 -18.60
CA ALA E 17 14.01 21.01 -17.66
C ALA E 17 13.32 19.66 -17.58
N PRO E 18 14.02 18.62 -17.13
CA PRO E 18 13.44 17.26 -17.12
C PRO E 18 12.37 17.11 -16.04
N ILE E 19 11.63 16.00 -16.17
CA ILE E 19 10.67 15.58 -15.14
C ILE E 19 10.43 14.09 -15.34
N ARG E 20 10.05 13.41 -14.26
CA ARG E 20 9.50 12.05 -14.36
C ARG E 20 8.00 12.20 -14.17
N GLN E 21 7.31 12.34 -15.30
CA GLN E 21 5.89 12.67 -15.27
C GLN E 21 5.12 11.57 -14.57
N GLY E 22 4.30 11.96 -13.60
CA GLY E 22 3.53 11.01 -12.83
C GLY E 22 4.25 10.45 -11.63
N ILE E 23 5.52 10.81 -11.43
CA ILE E 23 6.30 10.38 -10.28
C ILE E 23 6.63 11.56 -9.36
N TYR E 24 7.13 12.66 -9.93
CA TYR E 24 7.46 13.80 -9.09
C TYR E 24 7.16 15.09 -9.84
N SER E 25 7.05 16.18 -9.06
CA SER E 25 6.99 17.52 -9.61
C SER E 25 8.39 18.09 -9.66
N GLN E 26 8.66 18.94 -10.66
CA GLN E 26 9.95 19.62 -10.72
C GLN E 26 10.21 20.37 -9.42
N ALA E 27 9.20 21.04 -8.89
CA ALA E 27 9.31 21.78 -7.65
C ALA E 27 7.92 21.92 -7.05
N VAL E 28 7.89 22.07 -5.72
CA VAL E 28 6.66 22.39 -5.00
C VAL E 28 6.93 23.66 -4.21
N VAL E 29 6.06 24.65 -4.39
CA VAL E 29 6.14 25.93 -3.68
C VAL E 29 4.98 25.97 -2.70
N VAL E 30 5.28 26.08 -1.42
CA VAL E 30 4.26 26.20 -0.39
CA VAL E 30 4.26 26.21 -0.38
C VAL E 30 4.63 27.41 0.47
N ASP E 31 3.72 28.38 0.54
CA ASP E 31 4.00 29.67 1.18
C ASP E 31 5.21 30.27 0.47
N ARG E 32 6.32 30.50 1.14
CA ARG E 32 7.47 31.11 0.48
C ARG E 32 8.59 30.11 0.19
N THR E 33 8.42 28.82 0.53
CA THR E 33 9.48 27.85 0.41
C THR E 33 9.24 26.94 -0.79
N MET E 34 10.32 26.70 -1.54
CA MET E 34 10.29 25.96 -2.80
C MET E 34 11.23 24.77 -2.69
N TYR E 35 10.67 23.57 -2.76
CA TYR E 35 11.42 22.32 -2.74
C TYR E 35 11.64 21.87 -4.18
N ILE E 36 12.90 21.68 -4.56
CA ILE E 36 13.29 21.36 -5.93
C ILE E 36 13.79 19.92 -6.01
N SER E 37 13.23 19.16 -6.95
CA SER E 37 13.65 17.77 -7.13
C SER E 37 15.13 17.70 -7.51
N GLY E 38 15.74 16.55 -7.20
CA GLY E 38 17.11 16.30 -7.61
C GLY E 38 17.28 16.46 -9.12
N GLN E 39 18.19 17.33 -9.53
CA GLN E 39 18.45 17.61 -10.94
C GLN E 39 19.64 16.78 -11.41
N LEU E 40 19.47 16.13 -12.56
CA LEU E 40 20.54 15.37 -13.22
C LEU E 40 21.03 16.15 -14.43
N GLY E 41 22.15 15.70 -14.99
CA GLY E 41 22.70 16.39 -16.14
C GLY E 41 22.06 16.02 -17.45
N LEU E 42 20.71 16.01 -17.48
CA LEU E 42 19.93 15.61 -18.64
C LEU E 42 19.58 16.82 -19.49
N ASP E 43 19.67 16.65 -20.81
CA ASP E 43 19.28 17.67 -21.77
C ASP E 43 17.92 17.26 -22.32
N VAL E 44 16.88 18.03 -22.00
CA VAL E 44 15.54 17.70 -22.48
C VAL E 44 15.47 17.63 -23.99
N ALA E 45 16.36 18.36 -24.69
CA ALA E 45 16.35 18.32 -26.14
C ALA E 45 16.63 16.92 -26.67
N SER E 46 17.43 16.15 -25.94
CA SER E 46 17.82 14.82 -26.37
C SER E 46 17.29 13.70 -25.49
N GLY E 47 16.79 14.01 -24.29
CA GLY E 47 16.41 12.97 -23.36
C GLY E 47 17.57 12.15 -22.82
N LYS E 48 18.80 12.66 -22.96
CA LYS E 48 19.99 11.93 -22.55
C LYS E 48 20.86 12.82 -21.68
N LEU E 49 21.75 12.18 -20.90
CA LEU E 49 22.77 12.93 -20.20
C LEU E 49 23.69 13.60 -21.22
N VAL E 50 24.13 14.82 -20.88
CA VAL E 50 25.10 15.50 -21.73
C VAL E 50 26.43 14.74 -21.71
N GLU E 51 27.20 14.87 -22.80
CA GLU E 51 28.51 14.25 -22.83
C GLU E 51 29.52 15.08 -22.07
N GLY E 52 30.59 14.42 -21.61
CA GLY E 52 31.75 15.16 -21.10
C GLY E 52 32.12 14.97 -19.64
N GLY E 53 31.49 14.02 -18.96
CA GLY E 53 31.88 13.73 -17.59
C GLY E 53 31.15 14.54 -16.54
N VAL E 54 31.69 14.45 -15.32
CA VAL E 54 30.98 15.01 -14.16
C VAL E 54 30.85 16.52 -14.26
N GLN E 55 31.85 17.21 -14.82
CA GLN E 55 31.76 18.68 -14.91
C GLN E 55 30.64 19.11 -15.84
N ALA E 56 30.54 18.48 -17.02
CA ALA E 56 29.46 18.80 -17.94
C ALA E 56 28.11 18.46 -17.33
N GLN E 57 28.01 17.31 -16.66
CA GLN E 57 26.74 16.93 -16.04
C GLN E 57 26.36 17.87 -14.90
N ALA E 58 27.35 18.31 -14.12
CA ALA E 58 27.04 19.24 -13.03
C ALA E 58 26.54 20.56 -13.60
N ARG E 59 27.15 21.01 -14.70
CA ARG E 59 26.71 22.26 -15.36
C ARG E 59 25.27 22.08 -15.85
N GLN E 60 24.96 20.97 -16.50
CA GLN E 60 23.61 20.80 -17.02
C GLN E 60 22.60 20.68 -15.89
N ALA E 61 22.97 19.99 -14.80
CA ALA E 61 22.06 19.87 -13.67
C ALA E 61 21.73 21.24 -13.09
N LEU E 62 22.73 22.12 -13.01
CA LEU E 62 22.49 23.46 -12.48
C LEU E 62 21.77 24.35 -13.49
N VAL E 63 22.00 24.17 -14.78
CA VAL E 63 21.18 24.85 -15.78
C VAL E 63 19.71 24.43 -15.63
N ASN E 64 19.47 23.12 -15.49
CA ASN E 64 18.11 22.63 -15.27
C ASN E 64 17.49 23.27 -14.04
N MET E 65 18.23 23.28 -12.92
CA MET E 65 17.73 23.91 -11.70
C MET E 65 17.36 25.38 -11.95
N GLY E 66 18.19 26.09 -12.72
CA GLY E 66 17.91 27.50 -12.98
C GLY E 66 16.64 27.73 -13.78
N GLU E 67 16.33 26.84 -14.74
CA GLU E 67 15.09 26.96 -15.47
C GLU E 67 13.88 26.73 -14.57
N ILE E 68 13.99 25.77 -13.65
CA ILE E 68 12.91 25.55 -12.69
C ILE E 68 12.76 26.75 -11.76
N LEU E 69 13.88 27.28 -11.26
CA LEU E 69 13.82 28.51 -10.45
C LEU E 69 13.13 29.63 -11.23
N LYS E 70 13.48 29.80 -12.51
CA LYS E 70 12.86 30.84 -13.32
C LYS E 70 11.35 30.64 -13.42
N ALA E 71 10.90 29.38 -13.56
CA ALA E 71 9.48 29.10 -13.68
C ALA E 71 8.70 29.55 -12.45
N ALA E 72 9.37 29.62 -11.29
CA ALA E 72 8.76 30.09 -10.06
C ALA E 72 9.06 31.56 -9.79
N GLY E 73 9.66 32.27 -10.73
CA GLY E 73 10.01 33.66 -10.51
C GLY E 73 11.24 33.87 -9.67
N CYS E 74 12.10 32.87 -9.56
CA CYS E 74 13.30 32.94 -8.75
C CYS E 74 14.55 32.88 -9.62
N GLY E 75 15.69 33.08 -8.96
CA GLY E 75 16.99 32.86 -9.57
C GLY E 75 17.87 32.07 -8.63
N TYR E 76 19.15 31.91 -8.98
CA TYR E 76 20.05 31.15 -8.13
C TYR E 76 20.18 31.78 -6.76
N ASP E 77 20.02 33.10 -6.66
CA ASP E 77 20.11 33.80 -5.37
CA ASP E 77 20.15 33.76 -5.36
C ASP E 77 19.04 33.35 -4.39
N ASN E 78 17.93 32.78 -4.87
CA ASN E 78 16.89 32.36 -3.96
C ASN E 78 17.20 31.04 -3.28
N VAL E 79 18.21 30.31 -3.76
CA VAL E 79 18.51 29.01 -3.19
C VAL E 79 19.14 29.17 -1.82
N VAL E 80 18.61 28.46 -0.83
CA VAL E 80 19.11 28.52 0.53
C VAL E 80 19.83 27.25 0.97
N LYS E 81 19.62 26.12 0.30
CA LYS E 81 20.24 24.86 0.65
C LYS E 81 20.31 23.99 -0.61
N THR E 82 21.45 23.35 -0.82
CA THR E 82 21.54 22.32 -1.85
C THR E 82 22.16 21.07 -1.22
N THR E 83 21.93 19.93 -1.89
CA THR E 83 22.62 18.70 -1.56
C THR E 83 23.22 18.20 -2.85
N VAL E 84 24.54 17.95 -2.84
CA VAL E 84 25.29 17.51 -4.00
C VAL E 84 25.58 16.03 -3.83
N LEU E 85 25.02 15.22 -4.72
CA LEU E 85 25.14 13.76 -4.67
C LEU E 85 26.06 13.35 -5.82
N LEU E 86 27.17 12.68 -5.51
CA LEU E 86 28.10 12.21 -6.53
C LEU E 86 28.06 10.69 -6.62
N ALA E 87 28.37 10.17 -7.81
CA ALA E 87 28.46 8.73 -8.03
C ALA E 87 29.76 8.39 -8.74
N ASP E 88 30.25 7.17 -8.53
CA ASP E 88 31.40 6.58 -9.22
C ASP E 88 32.73 7.10 -8.69
N MET E 89 32.90 8.42 -8.61
CA MET E 89 34.11 8.99 -8.01
C MET E 89 33.73 10.12 -7.07
N ASN E 90 34.64 10.40 -6.12
CA ASN E 90 34.44 11.44 -5.11
C ASN E 90 34.90 12.80 -5.66
N ASP E 91 34.27 13.18 -6.76
CA ASP E 91 34.66 14.33 -7.56
C ASP E 91 34.23 15.68 -6.97
N PHE E 92 34.45 15.88 -5.67
CA PHE E 92 33.99 17.11 -5.03
C PHE E 92 34.64 18.35 -5.62
N VAL E 93 35.95 18.31 -5.85
CA VAL E 93 36.69 19.48 -6.32
C VAL E 93 36.22 19.91 -7.71
N ASN E 94 36.15 18.96 -8.64
CA ASN E 94 35.70 19.30 -10.00
C ASN E 94 34.28 19.83 -10.00
N VAL E 95 33.40 19.24 -9.19
CA VAL E 95 32.03 19.73 -9.11
C VAL E 95 31.99 21.11 -8.46
N ASN E 96 32.79 21.33 -7.40
CA ASN E 96 32.82 22.64 -6.78
C ASN E 96 33.23 23.72 -7.76
N ASP E 97 34.18 23.43 -8.65
CA ASP E 97 34.62 24.42 -9.62
C ASP E 97 33.48 24.87 -10.53
N VAL E 98 32.60 23.94 -10.90
CA VAL E 98 31.43 24.29 -11.71
C VAL E 98 30.39 24.99 -10.84
N TYR E 99 30.17 24.46 -9.65
CA TYR E 99 29.18 25.01 -8.71
C TYR E 99 29.39 26.50 -8.48
N LYS E 100 30.64 26.93 -8.29
CA LYS E 100 30.89 28.34 -7.98
C LYS E 100 30.75 29.26 -9.17
N THR E 101 30.52 28.72 -10.38
CA THR E 101 30.16 29.58 -11.49
C THR E 101 28.68 29.89 -11.53
N PHE E 102 27.87 29.20 -10.73
CA PHE E 102 26.43 29.44 -10.62
C PHE E 102 26.06 30.20 -9.36
N PHE E 103 26.77 29.97 -8.26
CA PHE E 103 26.51 30.65 -6.99
C PHE E 103 27.77 31.45 -6.65
N SER E 104 27.66 32.77 -6.70
CA SER E 104 28.83 33.66 -6.63
C SER E 104 29.00 34.35 -5.28
N LYS E 105 27.96 34.40 -4.45
CA LYS E 105 27.99 35.11 -3.18
C LYS E 105 26.77 34.63 -2.40
N ASN E 106 26.75 34.90 -1.10
CA ASN E 106 25.61 34.57 -0.26
C ASN E 106 25.18 33.11 -0.48
N PHE E 107 26.15 32.22 -0.27
CA PHE E 107 26.04 30.86 -0.78
C PHE E 107 25.00 30.05 0.00
N PRO E 108 24.35 29.10 -0.67
CA PRO E 108 23.47 28.17 0.05
C PRO E 108 24.25 27.44 1.13
N ALA E 109 23.54 27.02 2.17
CA ALA E 109 24.06 25.92 2.96
C ALA E 109 24.14 24.68 2.08
N ARG E 110 24.97 23.72 2.47
CA ARG E 110 25.19 22.59 1.57
C ARG E 110 25.56 21.34 2.34
N ALA E 111 25.17 20.20 1.79
CA ALA E 111 25.73 18.91 2.14
C ALA E 111 26.17 18.24 0.85
N ALA E 112 27.18 17.38 0.94
CA ALA E 112 27.70 16.76 -0.25
C ALA E 112 28.29 15.41 0.12
N TYR E 113 28.04 14.41 -0.73
CA TYR E 113 28.55 13.07 -0.44
C TYR E 113 28.45 12.22 -1.69
N GLN E 114 29.26 11.16 -1.71
CA GLN E 114 29.24 10.18 -2.80
C GLN E 114 28.34 9.03 -2.42
N VAL E 115 27.35 8.74 -3.28
CA VAL E 115 26.45 7.60 -3.11
C VAL E 115 26.84 6.53 -4.11
N VAL E 116 26.10 5.42 -4.16
CA VAL E 116 26.51 4.31 -5.01
C VAL E 116 26.13 4.54 -6.47
N ALA E 117 24.91 5.02 -6.71
CA ALA E 117 24.40 5.15 -8.06
C ALA E 117 23.23 6.11 -8.04
N LEU E 118 22.99 6.74 -9.19
CA LEU E 118 21.96 7.74 -9.38
C LEU E 118 21.08 7.30 -10.54
N PRO E 119 19.86 7.86 -10.67
CA PRO E 119 19.06 7.57 -11.86
C PRO E 119 19.84 7.87 -13.13
N ARG E 120 19.57 7.06 -14.16
CA ARG E 120 20.17 7.22 -15.49
C ARG E 120 21.67 6.99 -15.50
N GLY E 121 22.25 6.44 -14.43
CA GLY E 121 23.69 6.33 -14.40
C GLY E 121 24.40 7.67 -14.27
N GLY E 122 23.70 8.70 -13.82
CA GLY E 122 24.32 10.01 -13.68
C GLY E 122 25.51 9.99 -12.73
N LEU E 123 26.42 10.94 -12.93
CA LEU E 123 27.57 11.12 -12.06
C LEU E 123 27.32 12.14 -10.97
N VAL E 124 26.24 12.91 -11.06
CA VAL E 124 25.97 13.98 -10.11
C VAL E 124 24.48 14.27 -10.15
N GLU E 125 23.90 14.53 -8.98
CA GLU E 125 22.51 14.93 -8.84
C GLU E 125 22.48 16.00 -7.76
N ILE E 126 21.74 17.09 -8.00
CA ILE E 126 21.72 18.20 -7.05
C ILE E 126 20.27 18.56 -6.73
N GLU E 127 19.88 18.42 -5.47
CA GLU E 127 18.57 18.90 -5.03
C GLU E 127 18.73 20.23 -4.31
N ALA E 128 17.60 20.92 -4.09
CA ALA E 128 17.71 22.25 -3.52
C ALA E 128 16.43 22.64 -2.78
N VAL E 129 16.59 23.60 -1.86
CA VAL E 129 15.50 24.35 -1.27
C VAL E 129 15.76 25.81 -1.58
N ALA E 130 14.72 26.51 -2.04
CA ALA E 130 14.80 27.94 -2.27
C ALA E 130 13.69 28.63 -1.48
N VAL E 131 13.85 29.93 -1.29
CA VAL E 131 12.82 30.75 -0.65
C VAL E 131 12.53 31.93 -1.57
N LEU E 132 11.25 32.16 -1.83
CA LEU E 132 10.84 33.22 -2.74
C LEU E 132 11.13 34.59 -2.14
N GLY E 133 11.36 35.56 -3.01
CA GLY E 133 11.65 36.91 -2.59
C GLY E 133 10.48 37.54 -1.85
N PRO E 134 10.77 38.53 -0.99
CA PRO E 134 9.74 39.16 -0.17
C PRO E 134 8.84 40.07 -1.00
N LYS F 9 17.12 37.45 5.11
CA LYS F 9 18.02 36.31 4.95
C LYS F 9 19.40 36.60 5.53
N LEU F 10 19.86 35.73 6.43
CA LEU F 10 21.09 35.94 7.18
C LEU F 10 22.06 34.80 6.95
N PHE F 11 23.35 35.11 7.03
CA PHE F 11 24.42 34.14 6.83
C PHE F 11 25.35 34.19 8.04
N PRO F 12 24.91 33.64 9.17
CA PRO F 12 25.76 33.70 10.37
C PRO F 12 27.04 32.91 10.15
N TYR F 13 28.12 33.42 10.72
CA TYR F 13 29.42 32.79 10.57
C TYR F 13 30.13 32.76 11.92
N THR F 14 30.75 31.62 12.23
CA THR F 14 31.66 31.56 13.36
C THR F 14 33.00 30.98 12.92
N PRO F 15 34.12 31.59 13.30
CA PRO F 15 35.43 30.97 13.03
C PRO F 15 35.72 29.76 13.88
N ARG F 16 34.81 29.42 14.81
CA ARG F 16 34.98 28.24 15.65
C ARG F 16 34.45 26.97 15.00
N ALA F 17 33.94 27.06 13.78
CA ALA F 17 33.46 25.90 13.05
C ALA F 17 33.99 25.97 11.63
N PRO F 18 34.04 24.84 10.91
CA PRO F 18 34.62 24.84 9.56
C PRO F 18 33.69 25.49 8.54
N ILE F 19 34.30 25.79 7.38
CA ILE F 19 33.60 26.25 6.19
C ILE F 19 34.48 25.92 4.99
N ARG F 20 33.86 25.76 3.83
CA ARG F 20 34.61 25.85 2.57
C ARG F 20 34.31 27.21 1.96
N GLN F 21 35.21 28.16 2.21
CA GLN F 21 34.98 29.53 1.81
C GLN F 21 34.77 29.62 0.30
N GLY F 22 33.71 30.32 -0.11
CA GLY F 22 33.43 30.48 -1.51
C GLY F 22 32.56 29.40 -2.12
N ILE F 23 32.30 28.32 -1.38
CA ILE F 23 31.47 27.21 -1.84
C ILE F 23 30.14 27.14 -1.11
N TYR F 24 30.15 27.21 0.21
CA TYR F 24 28.91 27.16 0.98
C TYR F 24 29.01 28.04 2.22
N SER F 25 27.83 28.43 2.72
CA SER F 25 27.69 29.10 3.99
C SER F 25 27.52 28.05 5.10
N GLN F 26 28.02 28.36 6.30
CA GLN F 26 27.81 27.45 7.42
C GLN F 26 26.33 27.21 7.65
N ALA F 27 25.53 28.26 7.50
CA ALA F 27 24.08 28.15 7.66
C ALA F 27 23.45 29.33 6.96
N VAL F 28 22.18 29.14 6.57
CA VAL F 28 21.36 30.22 6.05
C VAL F 28 20.13 30.31 6.92
N VAL F 29 19.87 31.49 7.48
CA VAL F 29 18.68 31.75 8.28
C VAL F 29 17.74 32.55 7.41
N VAL F 30 16.56 32.00 7.14
CA VAL F 30 15.61 32.65 6.24
C VAL F 30 14.24 32.56 6.88
N ASP F 31 13.63 33.72 7.17
CA ASP F 31 12.39 33.80 7.94
C ASP F 31 12.68 33.15 9.29
N ARG F 32 12.02 32.06 9.66
CA ARG F 32 12.23 31.43 10.95
C ARG F 32 12.81 30.01 10.82
N THR F 33 13.51 29.74 9.72
CA THR F 33 14.10 28.43 9.48
C THR F 33 15.59 28.60 9.19
N MET F 34 16.40 27.70 9.75
CA MET F 34 17.85 27.76 9.61
C MET F 34 18.34 26.46 8.98
N TYR F 35 18.93 26.58 7.79
CA TYR F 35 19.51 25.43 7.10
C TYR F 35 21.00 25.36 7.42
N ILE F 36 21.44 24.25 8.03
CA ILE F 36 22.82 24.08 8.48
C ILE F 36 23.54 23.11 7.55
N SER F 37 24.74 23.49 7.11
CA SER F 37 25.51 22.67 6.20
C SER F 37 25.94 21.37 6.89
N GLY F 38 26.24 20.36 6.07
CA GLY F 38 26.74 19.10 6.58
C GLY F 38 28.03 19.34 7.34
N GLN F 39 28.05 18.95 8.61
CA GLN F 39 29.22 19.12 9.47
C GLN F 39 30.10 17.87 9.45
N LEU F 40 31.40 18.09 9.36
CA LEU F 40 32.42 17.06 9.41
C LEU F 40 33.13 17.10 10.75
N GLY F 41 33.84 16.01 11.06
CA GLY F 41 34.60 15.95 12.30
C GLY F 41 35.90 16.74 12.28
N LEU F 42 35.87 17.93 11.69
CA LEU F 42 37.05 18.79 11.56
C LEU F 42 37.20 19.69 12.77
N ASP F 43 38.44 19.84 13.23
CA ASP F 43 38.81 20.81 14.26
C ASP F 43 39.43 22.00 13.54
N VAL F 44 38.80 23.18 13.64
CA VAL F 44 39.32 24.34 12.94
C VAL F 44 40.69 24.75 13.44
N ALA F 45 41.04 24.36 14.66
CA ALA F 45 42.37 24.69 15.18
C ALA F 45 43.46 23.98 14.41
N SER F 46 43.21 22.74 13.99
CA SER F 46 44.19 21.98 13.21
C SER F 46 43.90 21.97 11.72
N GLY F 47 42.68 22.33 11.31
CA GLY F 47 42.28 22.18 9.93
C GLY F 47 42.08 20.76 9.46
N LYS F 48 42.18 19.77 10.35
CA LYS F 48 42.09 18.38 9.98
C LYS F 48 41.05 17.65 10.82
N LEU F 49 40.68 16.46 10.37
CA LEU F 49 39.78 15.61 11.14
C LEU F 49 40.43 15.21 12.46
N VAL F 50 39.60 15.15 13.51
CA VAL F 50 40.12 14.65 14.79
C VAL F 50 40.43 13.17 14.68
N GLU F 51 41.41 12.72 15.46
CA GLU F 51 41.79 11.33 15.47
C GLU F 51 40.87 10.53 16.38
N GLY F 52 40.87 9.21 16.21
CA GLY F 52 40.12 8.32 17.06
C GLY F 52 38.96 7.61 16.40
N GLY F 53 38.58 7.98 15.19
CA GLY F 53 37.56 7.24 14.46
C GLY F 53 36.20 7.90 14.47
N VAL F 54 35.19 7.09 14.14
CA VAL F 54 33.86 7.61 13.83
C VAL F 54 33.21 8.29 15.04
N GLN F 55 33.40 7.73 16.24
CA GLN F 55 32.81 8.34 17.42
C GLN F 55 33.43 9.71 17.69
N ALA F 56 34.76 9.80 17.64
CA ALA F 56 35.41 11.09 17.83
C ALA F 56 35.00 12.08 16.76
N GLN F 57 34.88 11.63 15.52
CA GLN F 57 34.48 12.52 14.43
C GLN F 57 33.02 12.95 14.59
N ALA F 58 32.14 12.03 15.00
CA ALA F 58 30.74 12.40 15.18
C ALA F 58 30.60 13.45 16.28
N ARG F 59 31.35 13.29 17.37
CA ARG F 59 31.32 14.27 18.46
C ARG F 59 31.78 15.64 17.97
N GLN F 60 32.88 15.68 17.22
CA GLN F 60 33.38 16.95 16.72
C GLN F 60 32.42 17.59 15.72
N ALA F 61 31.80 16.77 14.87
CA ALA F 61 30.80 17.33 13.94
C ALA F 61 29.66 17.98 14.72
N LEU F 62 29.22 17.35 15.81
CA LEU F 62 28.13 17.92 16.59
C LEU F 62 28.57 19.13 17.40
N VAL F 63 29.83 19.16 17.86
CA VAL F 63 30.40 20.37 18.46
C VAL F 63 30.37 21.52 17.46
N ASN F 64 30.83 21.26 16.24
CA ASN F 64 30.79 22.27 15.18
C ASN F 64 29.38 22.78 14.95
N MET F 65 28.41 21.86 14.84
CA MET F 65 27.02 22.29 14.67
C MET F 65 26.57 23.20 15.80
N GLY F 66 26.96 22.86 17.03
CA GLY F 66 26.62 23.73 18.17
C GLY F 66 27.18 25.14 18.04
N GLU F 67 28.40 25.27 17.54
CA GLU F 67 28.98 26.61 17.38
C GLU F 67 28.21 27.40 16.32
N ILE F 68 27.80 26.74 15.25
CA ILE F 68 27.04 27.42 14.21
C ILE F 68 25.67 27.85 14.73
N LEU F 69 25.01 26.96 15.47
CA LEU F 69 23.76 27.33 16.13
C LEU F 69 23.94 28.54 17.01
N LYS F 70 25.00 28.55 17.82
CA LYS F 70 25.24 29.67 18.73
C LYS F 70 25.46 30.96 17.96
N ALA F 71 26.14 30.88 16.81
CA ALA F 71 26.35 32.06 15.98
C ALA F 71 25.04 32.68 15.52
N ALA F 72 23.98 31.87 15.42
CA ALA F 72 22.67 32.38 15.04
C ALA F 72 21.78 32.71 16.23
N GLY F 73 22.32 32.66 17.44
CA GLY F 73 21.52 32.86 18.64
C GLY F 73 20.68 31.67 19.05
N CYS F 74 20.99 30.49 18.51
CA CYS F 74 20.24 29.26 18.76
C CYS F 74 21.06 28.29 19.60
N GLY F 75 20.44 27.16 19.92
CA GLY F 75 21.10 26.07 20.60
C GLY F 75 20.60 24.76 20.02
N TYR F 76 21.05 23.66 20.62
CA TYR F 76 20.62 22.34 20.14
C TYR F 76 19.10 22.17 20.18
N ASP F 77 18.42 22.85 21.12
CA ASP F 77 16.96 22.80 21.23
C ASP F 77 16.27 23.32 19.98
N ASN F 78 16.93 24.15 19.17
CA ASN F 78 16.31 24.67 17.97
C ASN F 78 16.28 23.67 16.82
N VAL F 79 17.01 22.56 16.92
CA VAL F 79 17.11 21.61 15.80
C VAL F 79 15.85 20.76 15.74
N VAL F 80 15.26 20.67 14.55
CA VAL F 80 14.08 19.85 14.34
C VAL F 80 14.30 18.67 13.40
N LYS F 81 15.40 18.63 12.65
CA LYS F 81 15.66 17.52 11.74
C LYS F 81 17.16 17.40 11.53
N THR F 82 17.69 16.18 11.56
CA THR F 82 19.07 15.97 11.17
C THR F 82 19.15 14.84 10.15
N THR F 83 20.30 14.77 9.48
CA THR F 83 20.62 13.65 8.61
C THR F 83 22.04 13.23 8.93
N VAL F 84 22.20 11.94 9.23
CA VAL F 84 23.49 11.36 9.64
C VAL F 84 23.97 10.50 8.49
N LEU F 85 25.08 10.91 7.86
CA LEU F 85 25.65 10.22 6.73
C LEU F 85 26.92 9.53 7.22
N LEU F 86 26.97 8.21 7.05
CA LEU F 86 28.07 7.40 7.55
C LEU F 86 28.85 6.79 6.39
N ALA F 87 30.17 6.72 6.55
CA ALA F 87 30.98 5.96 5.61
C ALA F 87 30.95 4.46 5.87
N ASP F 88 30.56 4.04 7.07
CA ASP F 88 30.44 2.62 7.42
C ASP F 88 29.24 2.44 8.35
N MET F 89 28.26 1.64 7.90
CA MET F 89 27.04 1.42 8.71
C MET F 89 27.33 0.66 10.01
N ASN F 90 28.43 -0.08 10.10
CA ASN F 90 28.80 -0.72 11.35
C ASN F 90 28.88 0.27 12.51
N ASP F 91 28.98 1.56 12.22
CA ASP F 91 29.09 2.62 13.21
C ASP F 91 27.74 3.19 13.61
N PHE F 92 26.64 2.62 13.14
CA PHE F 92 25.31 3.17 13.42
C PHE F 92 25.07 3.26 14.93
N VAL F 93 25.40 2.21 15.67
CA VAL F 93 25.22 2.25 17.11
C VAL F 93 26.19 3.22 17.77
N ASN F 94 27.46 3.18 17.36
CA ASN F 94 28.46 4.04 17.98
C ASN F 94 28.13 5.51 17.76
N VAL F 95 27.66 5.86 16.56
CA VAL F 95 27.28 7.25 16.30
C VAL F 95 26.01 7.61 17.08
N ASN F 96 25.08 6.66 17.22
CA ASN F 96 23.88 6.93 17.99
C ASN F 96 24.22 7.24 19.44
N ASP F 97 25.18 6.52 20.01
CA ASP F 97 25.56 6.78 21.41
C ASP F 97 26.09 8.20 21.58
N VAL F 98 26.91 8.68 20.65
CA VAL F 98 27.37 10.06 20.70
C VAL F 98 26.21 11.01 20.47
N TYR F 99 25.41 10.76 19.44
CA TYR F 99 24.29 11.63 19.07
C TYR F 99 23.36 11.88 20.25
N LYS F 100 23.05 10.84 21.03
CA LYS F 100 22.11 10.95 22.14
C LYS F 100 22.61 11.90 23.23
N THR F 101 23.92 12.11 23.33
CA THR F 101 24.44 13.03 24.34
C THR F 101 24.25 14.49 23.94
N PHE F 102 24.00 14.76 22.65
CA PHE F 102 23.70 16.10 22.19
C PHE F 102 22.21 16.38 22.10
N PHE F 103 21.42 15.36 21.76
CA PHE F 103 19.96 15.45 21.66
C PHE F 103 19.39 14.43 22.63
N SER F 104 19.29 14.84 23.90
CA SER F 104 18.93 13.93 24.98
C SER F 104 17.43 13.96 25.32
N LYS F 105 16.69 14.88 24.71
CA LYS F 105 15.23 14.98 24.83
C LYS F 105 14.77 15.79 23.62
N ASN F 106 13.46 15.89 23.44
CA ASN F 106 12.87 16.69 22.38
C ASN F 106 13.51 16.37 21.02
N PHE F 107 13.52 15.08 20.69
CA PHE F 107 14.44 14.59 19.67
C PHE F 107 14.06 15.09 18.27
N PRO F 108 15.02 15.55 17.49
CA PRO F 108 14.74 15.89 16.10
C PRO F 108 14.19 14.69 15.34
N ALA F 109 13.48 14.97 14.24
CA ALA F 109 13.32 13.95 13.22
C ALA F 109 14.69 13.62 12.63
N ARG F 110 14.82 12.42 12.04
CA ARG F 110 16.16 11.99 11.59
C ARG F 110 16.07 10.99 10.46
N ALA F 111 17.07 11.05 9.58
CA ALA F 111 17.38 9.96 8.67
C ALA F 111 18.87 9.67 8.81
N ALA F 112 19.23 8.40 8.62
CA ALA F 112 20.61 7.97 8.79
C ALA F 112 20.88 6.81 7.83
N TYR F 113 22.05 6.82 7.20
CA TYR F 113 22.36 5.76 6.26
C TYR F 113 23.83 5.82 5.89
N GLN F 114 24.30 4.74 5.26
CA GLN F 114 25.69 4.63 4.86
C GLN F 114 25.85 4.99 3.39
N VAL F 115 26.81 5.87 3.10
CA VAL F 115 27.14 6.27 1.75
C VAL F 115 28.56 5.81 1.41
N VAL F 116 29.03 6.13 0.19
CA VAL F 116 30.33 5.61 -0.25
C VAL F 116 31.48 6.42 0.34
N ALA F 117 31.38 7.75 0.30
CA ALA F 117 32.50 8.58 0.69
C ALA F 117 31.97 9.95 1.07
N LEU F 118 32.69 10.62 1.96
CA LEU F 118 32.34 11.94 2.43
C LEU F 118 33.48 12.89 2.13
N PRO F 119 33.21 14.19 2.06
CA PRO F 119 34.29 15.15 1.84
C PRO F 119 35.42 14.92 2.83
N ARG F 120 36.65 15.05 2.34
CA ARG F 120 37.88 14.95 3.12
C ARG F 120 38.18 13.53 3.61
N GLY F 121 37.43 12.54 3.16
CA GLY F 121 37.57 11.20 3.69
C GLY F 121 37.05 11.05 5.11
N GLY F 122 36.17 11.95 5.55
CA GLY F 122 35.55 11.80 6.84
C GLY F 122 34.70 10.55 6.93
N LEU F 123 34.43 10.14 8.18
CA LEU F 123 33.63 8.95 8.44
C LEU F 123 32.16 9.28 8.72
N VAL F 124 31.85 10.54 8.97
CA VAL F 124 30.48 10.94 9.29
C VAL F 124 30.31 12.39 8.87
N GLU F 125 29.11 12.72 8.39
CA GLU F 125 28.70 14.08 8.06
C GLU F 125 27.28 14.22 8.57
N ILE F 126 26.98 15.33 9.24
CA ILE F 126 25.67 15.53 9.87
C ILE F 126 25.14 16.92 9.48
N GLU F 127 24.02 16.93 8.75
CA GLU F 127 23.36 18.18 8.39
C GLU F 127 22.12 18.35 9.27
N ALA F 128 21.52 19.54 9.22
CA ALA F 128 20.41 19.78 10.12
C ALA F 128 19.56 20.94 9.64
N VAL F 129 18.30 20.93 10.07
CA VAL F 129 17.39 22.08 9.95
C VAL F 129 17.00 22.48 11.36
N ALA F 130 17.05 23.78 11.64
CA ALA F 130 16.65 24.33 12.92
C ALA F 130 15.59 25.39 12.67
N VAL F 131 14.91 25.80 13.75
CA VAL F 131 13.86 26.80 13.68
C VAL F 131 14.10 27.85 14.74
N LEU F 132 13.59 29.06 14.49
CA LEU F 132 13.76 30.18 15.40
C LEU F 132 12.38 30.69 15.82
N GLY F 133 12.32 31.25 17.03
CA GLY F 133 11.13 31.91 17.49
C GLY F 133 11.01 33.30 16.91
N PRO F 134 10.00 34.06 17.38
CA PRO F 134 9.84 35.47 16.98
C PRO F 134 11.07 36.29 17.34
#